data_6YRO
#
_entry.id   6YRO
#
_cell.length_a   126.132
_cell.length_b   80.799
_cell.length_c   130.740
_cell.angle_alpha   90.000
_cell.angle_beta   113.133
_cell.angle_gamma   90.000
#
_symmetry.space_group_name_H-M   'C 1 2 1'
#
loop_
_entity.id
_entity.type
_entity.pdbx_description
1 polymer SadP
2 non-polymer GLYCEROL
3 non-polymer 'SODIUM ION'
4 water water
#
_entity_poly.entity_id   1
_entity_poly.type   'polypeptide(L)'
_entity_poly.pdbx_seq_one_letter_code
;MHHHHHHSSGLVPRGSHMKQQSPLIQTSNADYKSGKDQEKLRTSVSINLLKAEEGQIQWKVTFDTSEWSFNVKHGGVYFI
LPNGLDLTKIVDNNQHDITASFPTDINDYRNSGQEKYRFFSSKQGLDNENGFNSQWNWSAGQANPSETVNSWKSGNRLSK
IYFIDQITDTTELTYTLTAKVTEPNQQSFPLLAVMKSFTYTNSKSTEVTSLGAREITLEKEKT
;
_entity_poly.pdbx_strand_id   D,A,B,C,E
#
loop_
_chem_comp.id
_chem_comp.type
_chem_comp.name
_chem_comp.formula
GOL non-polymer GLYCEROL 'C3 H8 O3'
NA non-polymer 'SODIUM ION' 'Na 1'
#
# COMPACT_ATOMS: atom_id res chain seq x y z
N GLN A 20 32.64 37.10 -16.34
CA GLN A 20 31.21 37.04 -16.05
C GLN A 20 30.80 35.89 -15.10
N GLN A 21 31.67 34.92 -14.84
CA GLN A 21 31.40 33.94 -13.80
C GLN A 21 32.69 33.64 -13.06
N SER A 22 32.58 33.47 -11.75
CA SER A 22 33.74 33.15 -10.93
C SER A 22 34.11 31.69 -11.12
N PRO A 23 35.31 31.29 -10.67
CA PRO A 23 35.70 29.89 -10.75
C PRO A 23 34.67 28.96 -10.11
N LEU A 24 34.53 27.77 -10.68
CA LEU A 24 33.60 26.78 -10.16
C LEU A 24 34.02 26.32 -8.78
N ILE A 25 33.07 26.24 -7.85
CA ILE A 25 33.33 25.65 -6.54
C ILE A 25 32.71 24.26 -6.51
N GLN A 26 33.49 23.26 -6.12
CA GLN A 26 32.98 21.91 -5.91
C GLN A 26 33.46 21.38 -4.56
N THR A 27 32.51 21.06 -3.68
CA THR A 27 32.81 20.43 -2.39
C THR A 27 31.85 19.29 -2.15
N SER A 28 32.27 18.34 -1.31
CA SER A 28 31.46 17.17 -0.98
C SER A 28 31.88 16.66 0.40
N ASN A 29 30.93 16.02 1.10
CA ASN A 29 31.29 15.29 2.31
C ASN A 29 31.75 13.85 2.00
N ALA A 30 31.88 13.47 0.73
CA ALA A 30 32.44 12.15 0.44
C ALA A 30 33.83 12.04 1.03
N ASP A 31 34.16 10.89 1.61
CA ASP A 31 35.42 10.70 2.32
C ASP A 31 35.97 9.32 2.01
N TYR A 32 36.93 8.86 2.83
CA TYR A 32 37.66 7.63 2.54
C TYR A 32 36.75 6.42 2.37
N LYS A 33 35.57 6.46 2.98
CA LYS A 33 34.64 5.34 2.85
C LYS A 33 34.26 5.11 1.40
N SER A 34 34.20 6.16 0.59
CA SER A 34 33.83 5.96 -0.81
C SER A 34 35.01 5.49 -1.66
N GLY A 35 36.18 5.29 -1.07
CA GLY A 35 37.29 4.70 -1.81
C GLY A 35 37.69 5.53 -3.02
N LYS A 36 37.87 4.84 -4.16
CA LYS A 36 38.35 5.44 -5.39
C LYS A 36 37.27 6.19 -6.16
N ASP A 37 36.06 6.34 -5.60
CA ASP A 37 35.08 7.26 -6.15
C ASP A 37 35.06 8.60 -5.43
N GLN A 38 35.88 8.79 -4.40
CA GLN A 38 35.79 10.02 -3.61
C GLN A 38 35.88 11.27 -4.49
N GLU A 39 36.91 11.34 -5.35
CA GLU A 39 37.12 12.57 -6.11
C GLU A 39 36.02 12.78 -7.15
N LYS A 40 35.58 11.70 -7.83
CA LYS A 40 34.44 11.79 -8.76
C LYS A 40 33.19 12.31 -8.05
N LEU A 41 32.91 11.79 -6.86
CA LEU A 41 31.78 12.29 -6.09
C LEU A 41 31.94 13.77 -5.77
N ARG A 42 33.14 14.15 -5.34
CA ARG A 42 33.39 15.54 -4.99
C ARG A 42 33.12 16.47 -6.16
N THR A 43 33.33 16.03 -7.39
CA THR A 43 33.28 16.91 -8.55
C THR A 43 32.08 16.62 -9.44
N SER A 44 31.00 16.06 -8.89
CA SER A 44 29.88 15.66 -9.74
C SER A 44 28.94 16.78 -10.13
N VAL A 45 28.95 17.92 -9.45
CA VAL A 45 28.00 18.98 -9.69
C VAL A 45 28.70 20.10 -10.45
N SER A 46 28.12 20.54 -11.56
CA SER A 46 28.72 21.65 -12.30
C SER A 46 27.65 22.67 -12.63
N ILE A 47 28.05 23.95 -12.67
CA ILE A 47 27.18 25.06 -13.01
C ILE A 47 27.90 25.94 -14.03
N ASN A 48 27.20 26.30 -15.10
CA ASN A 48 27.82 27.08 -16.17
C ASN A 48 26.84 28.12 -16.67
N LEU A 49 27.31 29.37 -16.76
CA LEU A 49 26.48 30.43 -17.32
C LEU A 49 26.24 30.19 -18.80
N LEU A 50 24.98 30.34 -19.23
CA LEU A 50 24.65 30.27 -20.65
C LEU A 50 24.45 31.63 -21.26
N LYS A 51 23.57 32.46 -20.67
CA LYS A 51 23.39 33.85 -21.00
C LYS A 51 23.14 34.68 -19.78
N ALA A 52 23.66 35.90 -19.81
CA ALA A 52 23.27 36.94 -18.88
C ALA A 52 22.93 38.15 -19.73
N GLU A 53 21.67 38.26 -20.15
CA GLU A 53 21.31 39.30 -21.10
C GLU A 53 20.45 40.38 -20.47
N GLU A 54 19.17 40.43 -20.88
CA GLU A 54 18.32 41.61 -20.68
C GLU A 54 17.57 41.50 -19.36
N GLY A 55 18.29 41.76 -18.28
CA GLY A 55 17.71 41.53 -16.96
C GLY A 55 17.35 40.09 -16.71
N GLN A 56 18.12 39.16 -17.24
CA GLN A 56 17.76 37.76 -17.20
C GLN A 56 19.03 36.93 -17.23
N ILE A 57 19.09 35.90 -16.40
CA ILE A 57 20.24 35.02 -16.30
C ILE A 57 19.79 33.59 -16.59
N GLN A 58 20.52 32.91 -17.48
CA GLN A 58 20.21 31.53 -17.84
C GLN A 58 21.45 30.69 -17.61
N TRP A 59 21.30 29.58 -16.89
CA TRP A 59 22.47 28.75 -16.65
C TRP A 59 22.13 27.27 -16.78
N LYS A 60 23.19 26.48 -16.82
CA LYS A 60 23.14 25.04 -16.98
C LYS A 60 23.67 24.40 -15.70
N VAL A 61 22.87 23.54 -15.09
CA VAL A 61 23.29 22.74 -13.95
C VAL A 61 23.44 21.31 -14.42
N THR A 62 24.63 20.73 -14.21
CA THR A 62 24.91 19.35 -14.63
C THR A 62 25.28 18.52 -13.41
N PHE A 63 24.69 17.32 -13.32
CA PHE A 63 24.92 16.37 -12.23
C PHE A 63 25.47 15.09 -12.84
N ASP A 64 26.73 14.78 -12.55
CA ASP A 64 27.29 13.51 -12.97
C ASP A 64 26.84 12.44 -11.98
N THR A 65 25.86 11.63 -12.38
CA THR A 65 25.27 10.66 -11.46
C THR A 65 25.95 9.30 -11.52
N SER A 66 26.98 9.14 -12.33
CA SER A 66 27.43 7.80 -12.69
C SER A 66 28.00 7.02 -11.50
N GLU A 67 28.49 7.69 -10.46
CA GLU A 67 29.05 6.99 -9.31
C GLU A 67 28.09 6.98 -8.11
N TRP A 68 26.83 7.35 -8.31
CA TRP A 68 25.95 7.61 -7.19
C TRP A 68 24.98 6.46 -6.88
N SER A 69 24.83 5.50 -7.79
CA SER A 69 23.94 4.34 -7.60
C SER A 69 22.50 4.75 -7.32
N PHE A 70 22.05 5.80 -7.98
CA PHE A 70 20.67 6.27 -7.81
C PHE A 70 19.66 5.24 -8.33
N ASN A 71 20.05 4.41 -9.30
CA ASN A 71 19.16 3.37 -9.81
C ASN A 71 19.01 2.21 -8.83
N VAL A 72 19.85 2.16 -7.80
CA VAL A 72 19.70 1.22 -6.70
C VAL A 72 18.98 1.89 -5.52
N LYS A 73 19.51 3.04 -5.08
CA LYS A 73 18.93 3.82 -3.99
C LYS A 73 18.83 5.25 -4.46
N HIS A 74 17.60 5.80 -4.46
CA HIS A 74 17.35 7.05 -5.14
C HIS A 74 18.01 8.22 -4.41
N GLY A 75 18.20 9.32 -5.14
CA GLY A 75 18.70 10.55 -4.55
C GLY A 75 17.81 11.74 -4.84
N GLY A 76 18.30 12.94 -4.53
CA GLY A 76 17.59 14.16 -4.88
C GLY A 76 18.58 15.22 -5.30
N VAL A 77 18.06 16.28 -5.91
CA VAL A 77 18.89 17.39 -6.32
C VAL A 77 18.21 18.68 -5.89
N TYR A 78 19.03 19.72 -5.67
CA TYR A 78 18.58 21.03 -5.20
C TYR A 78 19.16 22.14 -6.06
N PHE A 79 18.34 23.16 -6.32
CA PHE A 79 18.78 24.38 -6.96
C PHE A 79 18.53 25.51 -5.98
N ILE A 80 19.57 26.27 -5.64
CA ILE A 80 19.44 27.31 -4.63
C ILE A 80 19.60 28.65 -5.33
N LEU A 81 18.62 29.53 -5.15
CA LEU A 81 18.71 30.80 -5.83
C LEU A 81 18.93 31.93 -4.83
N PRO A 82 19.58 33.02 -5.25
CA PRO A 82 19.87 34.12 -4.33
C PRO A 82 18.79 35.18 -4.37
N ASN A 83 18.80 36.05 -3.34
CA ASN A 83 18.02 37.27 -3.40
C ASN A 83 18.39 38.04 -4.66
N GLY A 84 17.38 38.68 -5.26
CA GLY A 84 17.57 39.44 -6.47
C GLY A 84 17.39 38.67 -7.77
N LEU A 85 17.15 37.37 -7.70
CA LEU A 85 16.79 36.56 -8.87
C LEU A 85 15.47 35.85 -8.60
N ASP A 86 14.65 35.72 -9.64
CA ASP A 86 13.38 35.01 -9.55
C ASP A 86 13.33 33.98 -10.65
N LEU A 87 13.21 32.71 -10.29
CA LEU A 87 13.15 31.66 -11.30
C LEU A 87 11.92 31.84 -12.17
N THR A 88 12.12 31.86 -13.48
CA THR A 88 11.00 31.91 -14.40
C THR A 88 10.85 30.65 -15.24
N LYS A 89 11.91 29.84 -15.34
CA LYS A 89 11.78 28.58 -16.05
C LYS A 89 12.88 27.63 -15.61
N ILE A 90 12.53 26.36 -15.46
CA ILE A 90 13.52 25.30 -15.26
C ILE A 90 13.13 24.13 -16.14
N VAL A 91 14.08 23.64 -16.94
CA VAL A 91 13.85 22.55 -17.87
C VAL A 91 14.73 21.37 -17.46
N ASP A 92 14.12 20.19 -17.33
CA ASP A 92 14.81 19.01 -16.83
C ASP A 92 15.55 18.27 -17.95
N ASN A 93 16.20 17.17 -17.58
CA ASN A 93 17.07 16.47 -18.53
C ASN A 93 16.29 15.82 -19.66
N ASN A 94 14.96 15.74 -19.57
CA ASN A 94 14.10 15.26 -20.64
C ASN A 94 13.49 16.39 -21.45
N GLN A 95 13.91 17.63 -21.19
CA GLN A 95 13.41 18.81 -21.89
C GLN A 95 12.00 19.20 -21.47
N HIS A 96 11.52 18.69 -20.34
CA HIS A 96 10.21 19.07 -19.82
C HIS A 96 10.37 20.34 -19.00
N ASP A 97 9.53 21.32 -19.28
CA ASP A 97 9.48 22.56 -18.50
C ASP A 97 8.73 22.24 -17.22
N ILE A 98 9.47 22.07 -16.13
CA ILE A 98 8.90 21.65 -14.85
C ILE A 98 8.70 22.84 -13.91
N THR A 99 8.84 24.06 -14.42
CA THR A 99 8.64 25.24 -13.58
C THR A 99 7.37 25.14 -12.74
N ALA A 100 6.24 24.81 -13.38
CA ALA A 100 4.95 24.84 -12.71
C ALA A 100 4.74 23.66 -11.75
N SER A 101 5.59 22.63 -11.79
CA SER A 101 5.44 21.51 -10.85
C SER A 101 5.84 21.89 -9.44
N PHE A 102 6.60 22.95 -9.26
CA PHE A 102 7.06 23.32 -7.91
C PHE A 102 5.99 24.12 -7.18
N PRO A 103 5.66 23.78 -5.94
CA PRO A 103 4.77 24.64 -5.15
C PRO A 103 5.34 26.04 -5.01
N THR A 104 4.45 27.00 -4.79
CA THR A 104 4.85 28.37 -4.48
C THR A 104 4.64 28.73 -3.01
N ASP A 105 3.84 27.96 -2.28
CA ASP A 105 3.60 28.18 -0.86
C ASP A 105 4.19 26.99 -0.11
N ILE A 106 5.12 27.26 0.81
CA ILE A 106 5.83 26.17 1.47
C ILE A 106 4.90 25.30 2.31
N ASN A 107 3.69 25.78 2.63
CA ASN A 107 2.73 25.02 3.43
C ASN A 107 1.66 24.35 2.59
N ASP A 108 1.65 24.58 1.28
CA ASP A 108 0.80 23.83 0.37
C ASP A 108 0.95 22.34 0.63
N TYR A 109 -0.18 21.63 0.75
CA TYR A 109 -0.10 20.20 1.04
C TYR A 109 0.71 19.45 -0.01
N ARG A 110 0.75 19.95 -1.26
CA ARG A 110 1.60 19.31 -2.25
C ARG A 110 3.09 19.57 -2.03
N ASN A 111 3.47 20.39 -1.05
CA ASN A 111 4.87 20.61 -0.73
C ASN A 111 5.36 19.67 0.37
N SER A 112 4.58 18.66 0.72
CA SER A 112 4.89 17.82 1.87
C SER A 112 6.09 16.92 1.59
N GLY A 113 6.50 16.20 2.63
CA GLY A 113 7.75 15.48 2.76
C GLY A 113 7.95 14.22 1.94
N GLN A 114 7.07 13.91 0.99
CA GLN A 114 7.50 12.91 0.01
C GLN A 114 7.00 13.23 -1.39
N GLU A 115 6.54 14.46 -1.63
CA GLU A 115 6.30 14.91 -2.99
C GLU A 115 7.62 14.97 -3.75
N LYS A 116 7.54 14.84 -5.07
CA LYS A 116 8.75 14.86 -5.88
C LYS A 116 9.34 16.26 -6.00
N TYR A 117 8.50 17.28 -6.10
CA TYR A 117 8.94 18.64 -6.36
C TYR A 117 8.61 19.47 -5.12
N ARG A 118 9.64 20.01 -4.47
CA ARG A 118 9.41 20.79 -3.27
C ARG A 118 10.07 22.15 -3.40
N PHE A 119 9.59 23.08 -2.58
CA PHE A 119 10.01 24.46 -2.63
C PHE A 119 10.13 24.99 -1.21
N PHE A 120 11.24 25.69 -0.92
CA PHE A 120 11.51 26.30 0.38
C PHE A 120 12.03 27.73 0.16
N SER A 121 11.65 28.63 1.08
CA SER A 121 11.90 30.04 0.86
C SER A 121 12.20 30.73 2.19
N SER A 122 13.34 31.42 2.25
CA SER A 122 13.71 32.06 3.51
C SER A 122 12.67 33.07 3.97
N LYS A 123 11.88 33.61 3.06
CA LYS A 123 10.86 34.57 3.44
C LYS A 123 9.60 33.93 4.02
N GLN A 124 9.31 32.68 3.69
CA GLN A 124 8.10 32.04 4.20
C GLN A 124 8.36 31.26 5.48
N GLY A 125 9.58 30.79 5.69
CA GLY A 125 9.83 29.97 6.85
C GLY A 125 11.25 29.48 6.93
N LEU A 126 11.84 29.53 8.13
CA LEU A 126 13.23 29.18 8.32
C LEU A 126 13.44 27.87 9.02
N ASP A 127 12.52 27.47 9.90
CA ASP A 127 12.71 26.32 10.78
C ASP A 127 11.77 25.18 10.42
N ASN A 128 11.99 24.04 11.08
CA ASN A 128 11.18 22.84 10.93
C ASN A 128 11.42 22.18 9.57
N GLU A 129 10.59 21.18 9.23
CA GLU A 129 10.93 20.28 8.15
C GLU A 129 10.96 21.01 6.80
N ASN A 130 10.03 21.94 6.58
CA ASN A 130 9.95 22.68 5.34
C ASN A 130 10.64 24.05 5.45
N GLY A 131 11.57 24.19 6.41
CA GLY A 131 12.21 25.46 6.65
C GLY A 131 13.45 25.65 5.79
N PHE A 132 13.68 26.90 5.39
CA PHE A 132 14.82 27.21 4.52
C PHE A 132 16.13 26.81 5.19
N ASN A 133 16.30 27.15 6.47
CA ASN A 133 17.53 26.79 7.16
C ASN A 133 17.66 25.28 7.26
N SER A 134 16.57 24.58 7.57
CA SER A 134 16.64 23.13 7.70
C SER A 134 17.10 22.51 6.39
N GLN A 135 16.50 22.92 5.28
CA GLN A 135 16.79 22.28 4.01
C GLN A 135 18.16 22.68 3.49
N TRP A 136 18.63 23.88 3.84
CA TRP A 136 20.03 24.23 3.62
C TRP A 136 20.95 23.27 4.34
N ASN A 137 20.70 23.05 5.64
CA ASN A 137 21.53 22.14 6.42
C ASN A 137 21.57 20.76 5.81
N TRP A 138 20.45 20.29 5.26
CA TRP A 138 20.42 18.94 4.70
C TRP A 138 20.95 18.90 3.27
N SER A 139 21.34 20.04 2.72
CA SER A 139 21.83 20.02 1.34
C SER A 139 23.19 20.72 1.29
N ALA A 140 23.20 21.99 0.89
CA ALA A 140 24.50 22.66 0.74
C ALA A 140 25.28 22.59 2.05
N GLY A 141 24.59 22.70 3.18
CA GLY A 141 25.27 22.66 4.46
C GLY A 141 26.06 21.39 4.71
N GLN A 142 25.64 20.27 4.11
CA GLN A 142 26.28 18.96 4.33
C GLN A 142 27.44 18.68 3.39
N ALA A 143 27.59 19.45 2.32
CA ALA A 143 28.56 19.12 1.29
C ALA A 143 29.93 19.70 1.59
N ASN A 144 30.30 19.77 2.87
CA ASN A 144 31.52 20.41 3.33
C ASN A 144 31.73 21.75 2.60
N PRO A 145 30.77 22.66 2.64
CA PRO A 145 30.89 23.91 1.86
C PRO A 145 32.10 24.73 2.28
N SER A 146 32.65 25.47 1.32
CA SER A 146 33.82 26.28 1.57
C SER A 146 33.42 27.59 2.25
N GLU A 147 34.43 28.39 2.62
CA GLU A 147 34.12 29.64 3.29
C GLU A 147 33.23 30.52 2.42
N THR A 148 33.58 30.65 1.13
CA THR A 148 32.78 31.43 0.21
C THR A 148 31.29 31.09 0.32
N VAL A 149 30.97 29.79 0.27
CA VAL A 149 29.58 29.36 0.25
C VAL A 149 28.92 29.61 1.60
N ASN A 150 29.64 29.32 2.68
CA ASN A 150 29.14 29.66 4.01
C ASN A 150 28.95 31.16 4.17
N SER A 151 29.80 31.98 3.52
CA SER A 151 29.61 33.44 3.61
C SER A 151 28.36 33.89 2.88
N TRP A 152 28.02 33.27 1.74
CA TRP A 152 26.75 33.57 1.10
C TRP A 152 25.59 33.33 2.06
N LYS A 153 25.64 32.22 2.81
CA LYS A 153 24.56 31.90 3.75
C LYS A 153 24.50 32.88 4.90
N SER A 154 25.64 33.13 5.56
CA SER A 154 25.64 34.00 6.73
C SER A 154 25.29 35.44 6.36
N GLY A 155 25.62 35.85 5.15
CA GLY A 155 25.26 37.16 4.68
C GLY A 155 23.83 37.27 4.20
N ASN A 156 23.05 36.20 4.32
CA ASN A 156 21.65 36.23 3.90
C ASN A 156 21.50 36.59 2.43
N ARG A 157 22.41 36.10 1.59
CA ARG A 157 22.35 36.38 0.15
CA ARG A 157 22.37 36.36 0.15
C ARG A 157 21.54 35.34 -0.62
N LEU A 158 21.11 34.25 0.02
CA LEU A 158 20.37 33.17 -0.61
C LEU A 158 18.97 33.12 -0.02
N SER A 159 18.01 32.67 -0.84
CA SER A 159 16.63 32.84 -0.39
C SER A 159 15.65 31.75 -0.82
N LYS A 160 15.96 30.98 -1.87
CA LYS A 160 15.01 29.98 -2.33
C LYS A 160 15.71 28.68 -2.71
N ILE A 161 15.05 27.57 -2.38
CA ILE A 161 15.58 26.23 -2.65
C ILE A 161 14.51 25.44 -3.39
N TYR A 162 14.85 24.94 -4.57
CA TYR A 162 13.99 24.07 -5.37
C TYR A 162 14.55 22.67 -5.29
N PHE A 163 13.71 21.70 -4.92
CA PHE A 163 14.17 20.32 -4.67
C PHE A 163 13.40 19.32 -5.52
N ILE A 164 14.12 18.37 -6.11
CA ILE A 164 13.52 17.25 -6.84
C ILE A 164 13.95 15.94 -6.19
N ASP A 165 12.98 15.18 -5.71
CA ASP A 165 13.20 13.88 -5.11
C ASP A 165 13.16 12.79 -6.18
N GLN A 166 13.48 11.57 -5.77
CA GLN A 166 13.28 10.38 -6.60
C GLN A 166 14.13 10.41 -7.87
N ILE A 167 15.38 10.84 -7.73
CA ILE A 167 16.34 10.82 -8.82
C ILE A 167 16.90 9.41 -8.92
N THR A 168 16.73 8.77 -10.09
CA THR A 168 17.19 7.40 -10.27
C THR A 168 18.10 7.22 -11.48
N ASP A 169 18.55 8.31 -12.10
CA ASP A 169 19.39 8.22 -13.29
C ASP A 169 20.81 7.78 -12.96
N THR A 170 21.48 7.28 -13.98
CA THR A 170 22.86 6.81 -13.88
C THR A 170 23.75 7.54 -14.85
N THR A 171 23.23 8.52 -15.57
CA THR A 171 24.02 9.29 -16.51
C THR A 171 24.12 10.74 -16.04
N GLU A 172 24.70 11.57 -16.92
CA GLU A 172 24.74 13.00 -16.69
C GLU A 172 23.33 13.56 -16.80
N LEU A 173 22.89 14.27 -15.78
CA LEU A 173 21.62 14.97 -15.83
C LEU A 173 21.93 16.45 -15.99
N THR A 174 21.28 17.09 -16.96
CA THR A 174 21.45 18.53 -17.17
C THR A 174 20.09 19.21 -17.09
N TYR A 175 20.04 20.26 -16.27
CA TYR A 175 18.89 21.16 -16.17
C TYR A 175 19.30 22.55 -16.66
N THR A 176 18.34 23.26 -17.26
CA THR A 176 18.53 24.62 -17.74
C THR A 176 17.59 25.54 -17.00
N LEU A 177 18.14 26.47 -16.22
CA LEU A 177 17.34 27.41 -15.44
C LEU A 177 17.45 28.81 -16.03
N THR A 178 16.33 29.52 -15.99
CA THR A 178 16.26 30.93 -16.36
C THR A 178 15.60 31.68 -15.22
N ALA A 179 16.12 32.86 -14.92
CA ALA A 179 15.63 33.66 -13.80
C ALA A 179 15.65 35.13 -14.18
N LYS A 180 14.66 35.86 -13.67
CA LYS A 180 14.59 37.30 -13.89
C LYS A 180 15.33 38.02 -12.77
N VAL A 181 16.18 38.97 -13.15
CA VAL A 181 16.81 39.84 -12.16
C VAL A 181 15.73 40.78 -11.62
N THR A 182 15.48 40.70 -10.33
CA THR A 182 14.47 41.54 -9.69
C THR A 182 15.06 42.68 -8.87
N GLU A 183 16.38 42.72 -8.66
CA GLU A 183 17.02 43.87 -8.02
C GLU A 183 17.82 44.59 -9.07
N PRO A 184 17.39 45.77 -9.52
CA PRO A 184 18.06 46.41 -10.65
C PRO A 184 19.43 46.98 -10.28
N ASN A 185 19.72 47.19 -9.00
CA ASN A 185 21.00 47.71 -8.57
C ASN A 185 21.90 46.62 -7.98
N GLN A 186 21.80 45.40 -8.50
CA GLN A 186 22.63 44.30 -8.04
C GLN A 186 23.31 43.69 -9.25
N GLN A 187 24.62 43.41 -9.12
CA GLN A 187 25.40 42.83 -10.20
C GLN A 187 25.90 41.43 -9.92
N SER A 188 25.87 40.99 -8.65
CA SER A 188 26.50 39.75 -8.23
C SER A 188 25.45 38.76 -7.75
N PHE A 189 25.43 37.58 -8.37
CA PHE A 189 24.41 36.55 -8.15
C PHE A 189 25.03 35.19 -7.91
N PRO A 190 25.06 34.74 -6.65
CA PRO A 190 25.50 33.36 -6.37
C PRO A 190 24.54 32.33 -6.95
N LEU A 191 25.10 31.28 -7.54
CA LEU A 191 24.32 30.12 -8.01
C LEU A 191 24.88 28.85 -7.40
N LEU A 192 23.99 27.97 -6.90
CA LEU A 192 24.36 26.73 -6.25
C LEU A 192 23.44 25.60 -6.65
N ALA A 193 23.99 24.40 -6.70
CA ALA A 193 23.20 23.20 -6.89
C ALA A 193 23.79 22.11 -6.01
N VAL A 194 22.94 21.21 -5.54
CA VAL A 194 23.36 20.14 -4.64
C VAL A 194 22.75 18.81 -5.08
N MET A 195 23.48 17.72 -4.86
CA MET A 195 22.95 16.38 -5.09
C MET A 195 23.31 15.48 -3.91
N LYS A 196 22.38 14.60 -3.54
CA LYS A 196 22.64 13.67 -2.43
C LYS A 196 21.97 12.34 -2.69
N SER A 197 22.57 11.29 -2.15
CA SER A 197 21.91 10.01 -2.01
C SER A 197 21.08 10.04 -0.73
N PHE A 198 19.92 9.37 -0.76
CA PHE A 198 19.10 9.29 0.43
C PHE A 198 19.32 7.99 1.20
N THR A 199 20.36 7.23 0.85
CA THR A 199 20.66 5.99 1.54
C THR A 199 22.14 5.86 1.90
N TYR A 200 23.01 6.04 0.91
CA TYR A 200 24.43 5.83 1.14
C TYR A 200 25.01 7.01 1.91
N THR A 201 25.92 6.71 2.84
CA THR A 201 26.45 7.67 3.80
C THR A 201 27.97 7.66 3.74
N ASN A 202 28.59 8.72 4.26
CA ASN A 202 30.05 8.75 4.41
C ASN A 202 30.44 8.01 5.70
N SER A 203 31.71 8.10 6.09
CA SER A 203 32.19 7.44 7.31
C SER A 203 31.57 8.03 8.58
N LYS A 204 31.03 9.23 8.52
CA LYS A 204 30.33 9.82 9.65
C LYS A 204 28.85 9.52 9.64
N SER A 205 28.39 8.61 8.77
CA SER A 205 26.99 8.21 8.67
C SER A 205 26.08 9.34 8.20
N THR A 206 26.62 10.31 7.49
CA THR A 206 25.81 11.34 6.85
C THR A 206 25.66 11.02 5.37
N GLU A 207 24.44 11.12 4.86
CA GLU A 207 24.18 10.87 3.43
C GLU A 207 25.18 11.61 2.56
N VAL A 208 25.79 10.89 1.61
CA VAL A 208 26.78 11.51 0.73
C VAL A 208 26.13 12.64 -0.06
N THR A 209 26.78 13.80 -0.07
CA THR A 209 26.21 15.05 -0.57
C THR A 209 27.31 15.84 -1.28
N SER A 210 26.99 16.37 -2.47
CA SER A 210 27.95 17.16 -3.23
C SER A 210 27.29 18.42 -3.76
N LEU A 211 28.13 19.45 -3.89
CA LEU A 211 27.72 20.82 -4.19
C LEU A 211 28.52 21.34 -5.37
N GLY A 212 27.86 22.11 -6.23
CA GLY A 212 28.56 22.92 -7.22
C GLY A 212 28.05 24.35 -7.14
N ALA A 213 28.98 25.32 -7.23
CA ALA A 213 28.63 26.71 -7.00
C ALA A 213 29.49 27.65 -7.84
N ARG A 214 28.94 28.84 -8.08
CA ARG A 214 29.52 29.82 -8.99
C ARG A 214 28.78 31.14 -8.77
N GLU A 215 29.53 32.24 -8.75
CA GLU A 215 28.90 33.56 -8.70
C GLU A 215 28.94 34.21 -10.07
N ILE A 216 27.80 34.75 -10.51
CA ILE A 216 27.70 35.44 -11.79
C ILE A 216 27.78 36.94 -11.53
N THR A 217 28.63 37.64 -12.30
CA THR A 217 28.75 39.09 -12.20
C THR A 217 28.32 39.70 -13.52
N LEU A 218 27.21 40.43 -13.50
CA LEU A 218 26.83 41.28 -14.62
C LEU A 218 27.56 42.62 -14.50
N GLU A 219 27.50 43.40 -15.57
CA GLU A 219 27.68 44.83 -15.40
C GLU A 219 26.56 45.49 -16.19
N LYS A 220 25.65 46.12 -15.46
CA LYS A 220 24.43 46.68 -16.03
C LYS A 220 24.73 48.04 -16.68
N GLU A 221 24.30 48.17 -17.93
CA GLU A 221 24.51 49.37 -18.74
C GLU A 221 24.05 50.63 -18.03
N LYS A 222 24.30 51.78 -18.65
CA LYS A 222 24.02 53.06 -18.02
C LYS A 222 22.79 53.79 -18.52
N THR A 223 22.35 53.51 -19.74
CA THR A 223 21.37 54.32 -20.46
C THR A 223 21.30 53.81 -21.92
N GLN B 20 31.90 -31.86 -21.59
CA GLN B 20 30.93 -32.19 -20.56
C GLN B 20 29.72 -31.28 -20.59
N GLN B 21 29.82 -30.18 -21.35
CA GLN B 21 28.66 -29.33 -21.58
C GLN B 21 28.64 -28.88 -23.03
N SER B 22 27.44 -28.89 -23.62
CA SER B 22 27.25 -28.51 -24.99
C SER B 22 27.41 -26.99 -25.14
N PRO B 23 27.37 -26.47 -26.36
CA PRO B 23 27.45 -25.02 -26.53
C PRO B 23 26.23 -24.33 -25.96
N LEU B 24 26.45 -23.16 -25.35
CA LEU B 24 25.37 -22.40 -24.73
C LEU B 24 24.33 -21.99 -25.76
N ILE B 25 23.06 -22.15 -25.39
CA ILE B 25 21.91 -21.69 -26.19
C ILE B 25 21.31 -20.46 -25.51
N GLN B 26 21.06 -19.42 -26.31
CA GLN B 26 20.45 -18.18 -25.82
C GLN B 26 19.41 -17.70 -26.83
N THR B 27 18.17 -17.57 -26.37
CA THR B 27 17.08 -17.11 -27.21
C THR B 27 16.19 -16.19 -26.40
N SER B 28 15.46 -15.34 -27.12
CA SER B 28 14.62 -14.32 -26.51
C SER B 28 13.57 -13.88 -27.52
N ASN B 29 12.43 -13.43 -27.01
CA ASN B 29 11.44 -12.76 -27.85
C ASN B 29 11.70 -11.26 -28.00
N ALA B 30 12.85 -10.75 -27.54
CA ALA B 30 13.18 -9.35 -27.73
C ALA B 30 13.31 -9.05 -29.23
N ASP B 31 12.79 -7.91 -29.64
CA ASP B 31 12.72 -7.60 -31.06
C ASP B 31 13.00 -6.10 -31.27
N TYR B 32 12.69 -5.62 -32.47
CA TYR B 32 13.04 -4.25 -32.82
C TYR B 32 12.52 -3.25 -31.80
N LYS B 33 11.43 -3.57 -31.11
CA LYS B 33 10.90 -2.62 -30.14
C LYS B 33 11.92 -2.28 -29.07
N SER B 34 12.89 -3.15 -28.81
CA SER B 34 13.89 -2.87 -27.79
C SER B 34 15.12 -2.20 -28.37
N GLY B 35 15.11 -1.88 -29.66
CA GLY B 35 16.16 -1.05 -30.21
C GLY B 35 17.52 -1.65 -29.96
N LYS B 36 18.47 -0.79 -29.59
CA LYS B 36 19.88 -1.20 -29.44
C LYS B 36 20.14 -2.03 -28.16
N ASP B 37 19.12 -2.46 -27.42
CA ASP B 37 19.26 -3.45 -26.36
C ASP B 37 18.84 -4.85 -26.76
N GLN B 38 18.35 -5.03 -27.99
CA GLN B 38 17.79 -6.33 -28.37
C GLN B 38 18.81 -7.44 -28.14
N GLU B 39 20.01 -7.29 -28.71
CA GLU B 39 20.99 -8.36 -28.59
C GLU B 39 21.44 -8.57 -27.13
N LYS B 40 21.56 -7.50 -26.35
CA LYS B 40 21.95 -7.71 -24.95
C LYS B 40 20.83 -8.41 -24.18
N LEU B 41 19.57 -8.08 -24.47
CA LEU B 41 18.46 -8.85 -23.91
C LEU B 41 18.56 -10.32 -24.30
N ARG B 42 18.83 -10.58 -25.58
CA ARG B 42 18.90 -11.96 -26.05
C ARG B 42 19.93 -12.77 -25.29
N THR B 43 21.06 -12.17 -24.94
CA THR B 43 22.21 -12.92 -24.44
C THR B 43 22.40 -12.72 -22.92
N SER B 44 21.32 -12.39 -22.19
CA SER B 44 21.44 -12.10 -20.76
C SER B 44 21.51 -13.34 -19.87
N VAL B 45 21.03 -14.50 -20.31
CA VAL B 45 21.00 -15.72 -19.49
C VAL B 45 22.13 -16.65 -19.91
N SER B 46 22.93 -17.08 -18.95
CA SER B 46 23.94 -18.09 -19.25
C SER B 46 23.95 -19.16 -18.16
N ILE B 47 24.46 -20.33 -18.54
CA ILE B 47 24.58 -21.48 -17.67
C ILE B 47 25.98 -22.05 -17.85
N ASN B 48 26.68 -22.29 -16.75
CA ASN B 48 28.03 -22.83 -16.80
C ASN B 48 28.14 -23.98 -15.84
N LEU B 49 28.61 -25.11 -16.34
CA LEU B 49 28.77 -26.30 -15.50
C LEU B 49 29.90 -26.06 -14.50
N LEU B 50 29.66 -26.45 -13.25
CA LEU B 50 30.69 -26.36 -12.23
C LEU B 50 31.35 -27.70 -11.96
N LYS B 51 30.56 -28.74 -11.72
CA LYS B 51 31.09 -30.07 -11.48
C LYS B 51 30.02 -31.07 -11.85
N ALA B 52 30.43 -32.14 -12.54
CA ALA B 52 29.49 -33.15 -13.01
C ALA B 52 30.17 -34.51 -12.86
N GLU B 53 29.92 -35.18 -11.74
CA GLU B 53 30.57 -36.45 -11.48
C GLU B 53 30.07 -37.07 -10.19
N GLU B 54 30.05 -38.41 -10.15
CA GLU B 54 29.66 -39.15 -8.96
C GLU B 54 28.23 -38.83 -8.55
N GLY B 55 27.33 -39.02 -9.51
CA GLY B 55 25.91 -38.86 -9.24
C GLY B 55 25.49 -37.47 -8.78
N GLN B 56 26.24 -36.42 -9.12
CA GLN B 56 25.84 -35.09 -8.75
C GLN B 56 26.27 -34.09 -9.82
N ILE B 57 25.42 -33.11 -10.09
CA ILE B 57 25.72 -32.04 -11.03
C ILE B 57 25.55 -30.71 -10.31
N GLN B 58 26.54 -29.83 -10.45
CA GLN B 58 26.47 -28.49 -9.87
C GLN B 58 26.72 -27.47 -10.98
N TRP B 59 25.83 -26.50 -11.10
CA TRP B 59 26.04 -25.50 -12.13
C TRP B 59 25.71 -24.11 -11.61
N LYS B 60 26.22 -23.13 -12.34
CA LYS B 60 26.01 -21.72 -12.08
C LYS B 60 25.04 -21.18 -13.13
N VAL B 61 24.04 -20.43 -12.69
CA VAL B 61 23.14 -19.70 -13.57
C VAL B 61 23.40 -18.22 -13.34
N THR B 62 23.62 -17.46 -14.42
CA THR B 62 23.87 -16.03 -14.35
C THR B 62 22.83 -15.30 -15.18
N PHE B 63 22.16 -14.31 -14.56
CA PHE B 63 21.23 -13.43 -15.25
C PHE B 63 21.84 -12.03 -15.29
N ASP B 64 22.16 -11.53 -16.47
CA ASP B 64 22.57 -10.13 -16.61
C ASP B 64 21.32 -9.27 -16.66
N THR B 65 21.02 -8.54 -15.58
CA THR B 65 19.80 -7.75 -15.48
C THR B 65 19.99 -6.30 -15.95
N SER B 66 21.16 -5.94 -16.49
CA SER B 66 21.49 -4.54 -16.75
C SER B 66 20.45 -3.84 -17.60
N GLU B 67 19.92 -4.51 -18.64
CA GLU B 67 19.05 -3.83 -19.58
C GLU B 67 17.57 -4.07 -19.30
N TRP B 68 17.24 -4.64 -18.14
CA TRP B 68 15.88 -5.08 -17.90
C TRP B 68 15.05 -4.10 -17.07
N SER B 69 15.69 -3.10 -16.45
CA SER B 69 14.97 -2.11 -15.64
C SER B 69 14.13 -2.80 -14.56
N PHE B 70 14.68 -3.83 -13.93
CA PHE B 70 13.96 -4.49 -12.86
C PHE B 70 13.75 -3.58 -11.66
N ASN B 71 14.58 -2.54 -11.50
CA ASN B 71 14.41 -1.56 -10.43
C ASN B 71 13.24 -0.64 -10.66
N VAL B 72 12.69 -0.64 -11.87
CA VAL B 72 11.53 0.17 -12.23
C VAL B 72 10.27 -0.67 -12.26
N LYS B 73 10.36 -1.82 -12.92
CA LYS B 73 9.30 -2.82 -12.96
C LYS B 73 9.96 -4.16 -12.72
N HIS B 74 9.49 -4.90 -11.73
CA HIS B 74 10.20 -6.09 -11.30
C HIS B 74 10.01 -7.22 -12.31
N GLY B 75 10.95 -8.16 -12.29
CA GLY B 75 10.86 -9.35 -13.14
C GLY B 75 10.80 -10.63 -12.34
N GLY B 76 11.02 -11.76 -13.03
CA GLY B 76 11.14 -13.05 -12.37
C GLY B 76 12.14 -13.91 -13.11
N VAL B 77 12.61 -14.94 -12.41
CA VAL B 77 13.56 -15.88 -12.99
C VAL B 77 13.06 -17.30 -12.76
N TYR B 78 13.38 -18.19 -13.68
CA TYR B 78 12.97 -19.58 -13.65
C TYR B 78 14.19 -20.47 -13.82
N PHE B 79 14.21 -21.58 -13.09
CA PHE B 79 15.22 -22.63 -13.23
C PHE B 79 14.46 -23.91 -13.58
N ILE B 80 14.80 -24.53 -14.69
CA ILE B 80 14.07 -25.71 -15.15
C ILE B 80 15.02 -26.90 -15.09
N LEU B 81 14.61 -27.94 -14.37
CA LEU B 81 15.47 -29.11 -14.25
C LEU B 81 14.89 -30.28 -15.04
N PRO B 82 15.75 -31.16 -15.54
CA PRO B 82 15.28 -32.30 -16.34
C PRO B 82 14.90 -33.50 -15.48
N ASN B 83 14.06 -34.36 -16.06
CA ASN B 83 13.90 -35.71 -15.51
C ASN B 83 15.26 -36.35 -15.33
N GLY B 84 15.47 -36.98 -14.17
CA GLY B 84 16.76 -37.59 -13.86
C GLY B 84 17.64 -36.78 -12.93
N LEU B 85 17.20 -35.60 -12.51
CA LEU B 85 17.90 -34.73 -11.59
C LEU B 85 16.92 -34.25 -10.53
N ASP B 86 17.35 -34.27 -9.27
CA ASP B 86 16.57 -33.75 -8.16
C ASP B 86 17.36 -32.67 -7.46
N LEU B 87 16.84 -31.44 -7.48
CA LEU B 87 17.54 -30.32 -6.89
C LEU B 87 17.78 -30.59 -5.41
N THR B 88 19.04 -30.49 -4.98
CA THR B 88 19.33 -30.64 -3.55
C THR B 88 19.80 -29.36 -2.89
N LYS B 89 20.32 -28.39 -3.64
CA LYS B 89 20.66 -27.10 -3.07
C LYS B 89 20.60 -26.03 -4.14
N ILE B 90 20.12 -24.85 -3.76
CA ILE B 90 20.20 -23.67 -4.62
C ILE B 90 20.56 -22.47 -3.75
N VAL B 91 21.64 -21.78 -4.11
CA VAL B 91 22.13 -20.62 -3.36
C VAL B 91 21.92 -19.39 -4.23
N ASP B 92 21.44 -18.30 -3.63
CA ASP B 92 21.11 -17.14 -4.44
C ASP B 92 22.31 -16.20 -4.53
N ASN B 93 22.10 -15.01 -5.10
CA ASN B 93 23.20 -14.12 -5.43
C ASN B 93 23.90 -13.58 -4.20
N ASN B 94 23.25 -13.62 -3.04
CA ASN B 94 23.80 -13.20 -1.76
C ASN B 94 24.42 -14.35 -1.00
N GLN B 95 24.56 -15.51 -1.64
CA GLN B 95 25.07 -16.71 -0.97
C GLN B 95 24.13 -17.23 0.10
N HIS B 96 22.83 -16.90 0.03
CA HIS B 96 21.85 -17.54 0.90
C HIS B 96 21.36 -18.84 0.28
N ASP B 97 21.35 -19.89 1.07
CA ASP B 97 20.75 -21.16 0.66
C ASP B 97 19.24 -21.01 0.73
N ILE B 98 18.59 -20.90 -0.43
CA ILE B 98 17.14 -20.72 -0.47
C ILE B 98 16.40 -22.01 -0.80
N THR B 99 17.09 -23.15 -0.73
CA THR B 99 16.46 -24.41 -1.12
C THR B 99 15.11 -24.59 -0.43
N ALA B 100 15.09 -24.36 0.89
CA ALA B 100 13.89 -24.61 1.68
C ALA B 100 12.82 -23.55 1.49
N SER B 101 13.10 -22.47 0.77
CA SER B 101 12.08 -21.46 0.50
C SER B 101 11.04 -21.93 -0.51
N PHE B 102 11.31 -23.02 -1.25
CA PHE B 102 10.37 -23.41 -2.31
C PHE B 102 9.39 -24.44 -1.78
N PRO B 103 8.08 -24.26 -2.03
CA PRO B 103 7.12 -25.32 -1.69
C PRO B 103 7.49 -26.61 -2.40
N THR B 104 7.07 -27.73 -1.80
CA THR B 104 7.21 -29.04 -2.42
C THR B 104 5.90 -29.58 -2.98
N ASP B 105 4.79 -28.92 -2.70
CA ASP B 105 3.47 -29.37 -3.12
C ASP B 105 2.89 -28.23 -3.95
N ILE B 106 2.68 -28.47 -5.26
CA ILE B 106 2.22 -27.38 -6.11
C ILE B 106 0.87 -26.84 -5.66
N ASN B 107 0.16 -27.55 -4.79
CA ASN B 107 -1.15 -27.07 -4.34
C ASN B 107 -1.13 -26.44 -2.95
N ASP B 108 0.05 -26.34 -2.34
CA ASP B 108 0.25 -25.55 -1.12
C ASP B 108 -0.29 -24.13 -1.31
N TYR B 109 -1.05 -23.62 -0.31
CA TYR B 109 -1.49 -22.23 -0.41
C TYR B 109 -0.30 -21.30 -0.66
N ARG B 110 0.85 -21.61 -0.06
CA ARG B 110 2.03 -20.78 -0.21
C ARG B 110 2.73 -21.00 -1.56
N ASN B 111 2.16 -21.82 -2.45
CA ASN B 111 2.60 -21.88 -3.83
C ASN B 111 1.72 -21.06 -4.76
N SER B 112 0.78 -20.28 -4.22
CA SER B 112 -0.06 -19.48 -5.09
C SER B 112 0.70 -18.24 -5.58
N GLY B 113 0.08 -17.50 -6.49
CA GLY B 113 0.75 -16.38 -7.16
C GLY B 113 1.17 -15.24 -6.25
N GLN B 114 0.69 -15.22 -5.01
CA GLN B 114 1.03 -14.19 -4.03
C GLN B 114 2.43 -14.35 -3.47
N GLU B 115 3.21 -15.31 -3.97
CA GLU B 115 4.37 -15.80 -3.25
C GLU B 115 5.64 -15.52 -4.04
N LYS B 116 6.73 -15.29 -3.31
CA LYS B 116 7.99 -15.02 -3.99
C LYS B 116 8.56 -16.28 -4.65
N TYR B 117 8.49 -17.42 -3.95
CA TYR B 117 9.10 -18.67 -4.40
C TYR B 117 7.97 -19.62 -4.76
N ARG B 118 7.95 -20.09 -6.01
CA ARG B 118 6.95 -21.04 -6.47
C ARG B 118 7.62 -22.22 -7.15
N PHE B 119 6.91 -23.34 -7.14
CA PHE B 119 7.45 -24.62 -7.61
C PHE B 119 6.38 -25.30 -8.46
N PHE B 120 6.79 -25.81 -9.61
CA PHE B 120 5.90 -26.51 -10.53
C PHE B 120 6.57 -27.81 -10.96
N SER B 121 5.76 -28.85 -11.14
CA SER B 121 6.31 -30.18 -11.38
C SER B 121 5.41 -30.94 -12.34
N SER B 122 6.03 -31.50 -13.39
CA SER B 122 5.24 -32.35 -14.28
C SER B 122 4.70 -33.57 -13.57
N LYS B 123 5.33 -33.99 -12.47
CA LYS B 123 4.82 -35.13 -11.72
C LYS B 123 3.52 -34.82 -10.98
N GLN B 124 3.22 -33.54 -10.73
CA GLN B 124 2.12 -33.16 -9.87
C GLN B 124 0.96 -32.50 -10.60
N GLY B 125 1.22 -31.78 -11.67
CA GLY B 125 0.15 -31.09 -12.36
C GLY B 125 0.68 -30.46 -13.62
N LEU B 126 -0.08 -30.57 -14.69
CA LEU B 126 0.35 -30.14 -16.02
C LEU B 126 -0.34 -28.87 -16.48
N ASP B 127 -1.62 -28.72 -16.17
CA ASP B 127 -2.35 -27.57 -16.69
C ASP B 127 -2.85 -26.74 -15.50
N ASN B 128 -3.70 -25.77 -15.80
CA ASN B 128 -4.11 -24.78 -14.81
C ASN B 128 -2.95 -23.87 -14.42
N GLU B 129 -3.24 -22.89 -13.57
CA GLU B 129 -2.29 -21.82 -13.34
C GLU B 129 -0.99 -22.34 -12.75
N ASN B 130 -1.05 -23.39 -11.92
CA ASN B 130 0.16 -23.97 -11.32
C ASN B 130 0.64 -25.22 -12.06
N GLY B 131 0.15 -25.46 -13.28
CA GLY B 131 0.57 -26.62 -14.03
C GLY B 131 1.91 -26.43 -14.72
N PHE B 132 2.64 -27.54 -14.87
CA PHE B 132 3.96 -27.50 -15.51
C PHE B 132 3.90 -26.87 -16.90
N ASN B 133 2.86 -27.24 -17.68
CA ASN B 133 2.79 -26.77 -19.06
C ASN B 133 2.47 -25.29 -19.12
N SER B 134 1.52 -24.84 -18.30
CA SER B 134 1.17 -23.42 -18.25
C SER B 134 2.39 -22.59 -17.92
N GLN B 135 3.14 -22.98 -16.88
CA GLN B 135 4.30 -22.22 -16.46
C GLN B 135 5.43 -22.31 -17.48
N TRP B 136 5.58 -23.48 -18.13
CA TRP B 136 6.49 -23.55 -19.28
C TRP B 136 6.16 -22.48 -20.31
N ASN B 137 4.88 -22.35 -20.66
CA ASN B 137 4.48 -21.43 -21.72
C ASN B 137 4.76 -19.98 -21.35
N TRP B 138 4.69 -19.66 -20.07
CA TRP B 138 4.91 -18.31 -19.59
C TRP B 138 6.38 -18.02 -19.33
N SER B 139 7.26 -19.01 -19.52
CA SER B 139 8.66 -18.85 -19.20
C SER B 139 9.42 -19.23 -20.46
N ALA B 140 10.01 -20.43 -20.50
CA ALA B 140 10.79 -20.85 -21.66
C ALA B 140 9.99 -20.74 -22.95
N GLY B 141 8.70 -21.07 -22.92
CA GLY B 141 7.89 -21.00 -24.13
C GLY B 141 7.85 -19.62 -24.77
N GLN B 142 7.97 -18.55 -23.98
CA GLN B 142 7.89 -17.17 -24.49
C GLN B 142 9.20 -16.66 -25.05
N ALA B 143 10.31 -17.35 -24.78
CA ALA B 143 11.64 -16.85 -25.15
C ALA B 143 12.08 -17.30 -26.55
N ASN B 144 11.14 -17.48 -27.48
CA ASN B 144 11.44 -17.94 -28.84
C ASN B 144 12.38 -19.14 -28.81
N PRO B 145 12.06 -20.20 -28.04
CA PRO B 145 13.02 -21.28 -27.87
C PRO B 145 13.34 -21.97 -29.20
N SER B 146 14.57 -22.46 -29.31
CA SER B 146 15.03 -23.15 -30.49
C SER B 146 14.52 -24.59 -30.52
N GLU B 147 14.71 -25.25 -31.67
CA GLU B 147 14.22 -26.61 -31.81
C GLU B 147 14.75 -27.52 -30.71
N THR B 148 16.04 -27.43 -30.41
CA THR B 148 16.62 -28.27 -29.37
C THR B 148 15.84 -28.17 -28.07
N VAL B 149 15.50 -26.94 -27.66
CA VAL B 149 14.76 -26.75 -26.44
C VAL B 149 13.34 -27.30 -26.58
N ASN B 150 12.70 -27.02 -27.71
CA ASN B 150 11.34 -27.52 -27.92
C ASN B 150 11.30 -29.04 -27.97
N SER B 151 12.39 -29.68 -28.41
CA SER B 151 12.47 -31.14 -28.41
C SER B 151 12.63 -31.70 -27.00
N TRP B 152 13.36 -30.99 -26.13
CA TRP B 152 13.42 -31.39 -24.72
C TRP B 152 12.01 -31.45 -24.13
N LYS B 153 11.22 -30.41 -24.37
CA LYS B 153 9.87 -30.31 -23.86
C LYS B 153 8.96 -31.44 -24.41
N SER B 154 8.90 -31.60 -25.73
CA SER B 154 7.97 -32.60 -26.28
C SER B 154 8.45 -34.03 -26.03
N GLY B 155 9.74 -34.22 -25.80
CA GLY B 155 10.26 -35.50 -25.40
C GLY B 155 10.07 -35.82 -23.93
N ASN B 156 9.39 -34.95 -23.18
CA ASN B 156 9.21 -35.15 -21.75
C ASN B 156 10.56 -35.29 -21.04
N ARG B 157 11.55 -34.54 -21.52
CA ARG B 157 12.85 -34.55 -20.85
C ARG B 157 12.94 -33.60 -19.67
N LEU B 158 11.97 -32.70 -19.50
CA LEU B 158 12.00 -31.69 -18.43
C LEU B 158 10.83 -31.90 -17.49
N SER B 159 11.03 -31.63 -16.20
CA SER B 159 9.96 -31.95 -15.26
C SER B 159 9.72 -30.96 -14.15
N LYS B 160 10.68 -30.12 -13.77
CA LYS B 160 10.51 -29.24 -12.62
C LYS B 160 10.87 -27.81 -12.97
N ILE B 161 10.10 -26.86 -12.42
CA ILE B 161 10.32 -25.43 -12.60
C ILE B 161 10.36 -24.77 -11.22
N TYR B 162 11.47 -24.09 -10.92
CA TYR B 162 11.60 -23.26 -9.72
C TYR B 162 11.56 -21.80 -10.12
N PHE B 163 10.64 -21.03 -9.52
CA PHE B 163 10.38 -19.64 -9.91
C PHE B 163 10.66 -18.70 -8.74
N ILE B 164 11.26 -17.54 -9.03
CA ILE B 164 11.50 -16.48 -8.04
C ILE B 164 10.89 -15.19 -8.56
N ASP B 165 9.85 -14.71 -7.89
CA ASP B 165 9.19 -13.47 -8.23
C ASP B 165 9.97 -12.27 -7.66
N GLN B 166 9.52 -11.07 -8.03
CA GLN B 166 9.96 -9.81 -7.39
C GLN B 166 11.46 -9.58 -7.53
N ILE B 167 12.00 -9.89 -8.70
CA ILE B 167 13.39 -9.62 -9.02
C ILE B 167 13.54 -8.13 -9.35
N THR B 168 14.30 -7.40 -8.54
CA THR B 168 14.46 -5.97 -8.74
C THR B 168 15.92 -5.56 -8.94
N ASP B 169 16.84 -6.53 -9.04
CA ASP B 169 18.25 -6.23 -9.15
C ASP B 169 18.58 -5.52 -10.46
N THR B 170 19.70 -4.80 -10.45
CA THR B 170 20.20 -4.10 -11.62
C THR B 170 21.60 -4.57 -11.98
N THR B 171 22.14 -5.53 -11.25
CA THR B 171 23.44 -6.10 -11.48
C THR B 171 23.31 -7.51 -12.04
N GLU B 172 24.45 -8.18 -12.14
CA GLU B 172 24.51 -9.56 -12.58
C GLU B 172 24.14 -10.46 -11.41
N LEU B 173 23.12 -11.29 -11.59
CA LEU B 173 22.71 -12.23 -10.56
C LEU B 173 23.29 -13.61 -10.86
N THR B 174 23.85 -14.25 -9.84
CA THR B 174 24.41 -15.58 -9.98
C THR B 174 23.76 -16.51 -8.96
N TYR B 175 23.22 -17.63 -9.42
CA TYR B 175 22.70 -18.67 -8.55
C TYR B 175 23.52 -19.93 -8.76
N THR B 176 23.71 -20.70 -7.70
CA THR B 176 24.46 -21.95 -7.77
C THR B 176 23.53 -23.10 -7.38
N LEU B 177 23.36 -24.05 -8.28
CA LEU B 177 22.40 -25.13 -8.10
C LEU B 177 23.15 -26.45 -8.03
N THR B 178 22.74 -27.29 -7.10
CA THR B 178 23.23 -28.66 -7.00
C THR B 178 22.06 -29.61 -7.07
N ALA B 179 22.28 -30.72 -7.77
CA ALA B 179 21.21 -31.69 -8.02
C ALA B 179 21.83 -33.08 -8.09
N LYS B 180 21.11 -34.05 -7.55
CA LYS B 180 21.59 -35.42 -7.56
C LYS B 180 20.98 -36.17 -8.75
N VAL B 181 21.76 -37.07 -9.33
CA VAL B 181 21.30 -37.88 -10.47
C VAL B 181 20.41 -38.99 -9.92
N THR B 182 19.16 -39.03 -10.38
CA THR B 182 18.24 -40.07 -9.95
C THR B 182 18.03 -41.16 -11.00
N GLU B 183 18.59 -41.02 -12.20
CA GLU B 183 18.48 -42.05 -13.23
C GLU B 183 19.85 -42.65 -13.49
N PRO B 184 20.14 -43.86 -13.01
CA PRO B 184 21.50 -44.40 -13.21
C PRO B 184 21.85 -44.67 -14.67
N ASN B 185 20.87 -44.75 -15.58
CA ASN B 185 21.21 -45.02 -16.98
C ASN B 185 21.19 -43.77 -17.86
N GLN B 186 21.25 -42.59 -17.26
CA GLN B 186 21.19 -41.33 -17.99
C GLN B 186 22.56 -40.67 -18.01
N GLN B 187 23.01 -40.26 -19.20
CA GLN B 187 24.23 -39.48 -19.29
C GLN B 187 24.02 -38.03 -19.68
N SER B 188 22.89 -37.70 -20.32
CA SER B 188 22.64 -36.37 -20.85
C SER B 188 21.56 -35.68 -20.04
N PHE B 189 21.83 -34.45 -19.63
CA PHE B 189 20.98 -33.73 -18.68
C PHE B 189 20.80 -32.29 -19.15
N PRO B 190 19.63 -31.93 -19.68
CA PRO B 190 19.42 -30.54 -20.09
C PRO B 190 19.21 -29.64 -18.88
N LEU B 191 19.77 -28.44 -18.98
CA LEU B 191 19.68 -27.43 -17.93
C LEU B 191 19.24 -26.13 -18.58
N LEU B 192 18.29 -25.46 -17.94
CA LEU B 192 17.64 -24.31 -18.57
C LEU B 192 17.31 -23.27 -17.51
N ALA B 193 17.39 -22.00 -17.90
CA ALA B 193 17.02 -20.89 -17.03
C ALA B 193 16.36 -19.81 -17.88
N VAL B 194 15.41 -19.10 -17.28
CA VAL B 194 14.66 -18.04 -17.97
C VAL B 194 14.59 -16.81 -17.08
N MET B 195 14.59 -15.63 -17.72
CA MET B 195 14.29 -14.38 -17.03
C MET B 195 13.28 -13.60 -17.86
N LYS B 196 12.39 -12.89 -17.19
CA LYS B 196 11.48 -12.01 -17.93
C LYS B 196 11.11 -10.80 -17.09
N SER B 197 10.66 -9.75 -17.80
CA SER B 197 9.95 -8.63 -17.20
C SER B 197 8.48 -8.96 -17.05
N PHE B 198 7.87 -8.50 -15.96
CA PHE B 198 6.43 -8.66 -15.83
C PHE B 198 5.65 -7.46 -16.34
N THR B 199 6.32 -6.45 -16.90
CA THR B 199 5.64 -5.26 -17.38
C THR B 199 5.99 -4.96 -18.84
N TYR B 200 7.28 -4.91 -19.18
CA TYR B 200 7.67 -4.50 -20.51
C TYR B 200 7.48 -5.63 -21.52
N THR B 201 7.01 -5.28 -22.71
CA THR B 201 6.64 -6.22 -23.75
C THR B 201 7.40 -5.95 -25.04
N ASN B 202 7.41 -6.94 -25.93
CA ASN B 202 7.98 -6.78 -27.25
C ASN B 202 6.91 -6.20 -28.18
N SER B 203 7.21 -6.13 -29.48
CA SER B 203 6.26 -5.51 -30.40
C SER B 203 4.97 -6.31 -30.53
N LYS B 204 4.91 -7.53 -30.02
CA LYS B 204 3.72 -8.36 -30.08
C LYS B 204 2.99 -8.39 -28.75
N SER B 205 3.34 -7.49 -27.84
CA SER B 205 2.73 -7.35 -26.52
C SER B 205 2.86 -8.62 -25.68
N THR B 206 3.99 -9.30 -25.82
CA THR B 206 4.37 -10.38 -24.93
C THR B 206 5.54 -9.93 -24.07
N GLU B 207 5.47 -10.19 -22.77
CA GLU B 207 6.54 -9.82 -21.87
C GLU B 207 7.87 -10.22 -22.47
N VAL B 208 8.86 -9.34 -22.33
CA VAL B 208 10.21 -9.65 -22.82
C VAL B 208 10.79 -10.76 -21.96
N THR B 209 11.21 -11.85 -22.61
CA THR B 209 11.63 -13.09 -21.98
C THR B 209 12.86 -13.61 -22.69
N SER B 210 13.90 -14.00 -21.92
CA SER B 210 15.09 -14.63 -22.48
C SER B 210 15.40 -15.92 -21.73
N LEU B 211 16.06 -16.84 -22.42
CA LEU B 211 16.50 -18.08 -21.79
C LEU B 211 17.94 -18.36 -22.15
N GLY B 212 18.54 -19.17 -21.29
CA GLY B 212 19.84 -19.76 -21.57
C GLY B 212 19.74 -21.24 -21.27
N ALA B 213 20.39 -22.05 -22.09
CA ALA B 213 20.25 -23.48 -21.97
C ALA B 213 21.50 -24.18 -22.47
N ARG B 214 21.70 -25.39 -21.96
CA ARG B 214 22.92 -26.14 -22.15
C ARG B 214 22.64 -27.59 -21.75
N GLU B 215 23.21 -28.55 -22.48
CA GLU B 215 23.11 -29.94 -22.08
C GLU B 215 24.42 -30.42 -21.45
N ILE B 216 24.30 -31.07 -20.29
CA ILE B 216 25.44 -31.65 -19.59
C ILE B 216 25.49 -33.14 -19.91
N THR B 217 26.69 -33.67 -20.13
CA THR B 217 26.86 -35.10 -20.23
C THR B 217 27.77 -35.56 -19.11
N LEU B 218 27.29 -36.55 -18.35
CA LEU B 218 28.07 -37.26 -17.34
C LEU B 218 28.72 -38.43 -18.06
N GLU B 219 29.96 -38.22 -18.51
CA GLU B 219 30.69 -39.31 -19.15
C GLU B 219 30.82 -40.45 -18.15
N LYS B 220 29.70 -41.09 -17.86
CA LYS B 220 29.57 -42.10 -16.81
C LYS B 220 29.85 -43.47 -17.45
N GLU B 221 30.96 -44.10 -17.04
CA GLU B 221 31.25 -45.45 -17.51
C GLU B 221 31.26 -46.40 -16.31
N LYS B 222 32.07 -47.47 -16.37
CA LYS B 222 32.03 -48.48 -15.33
C LYS B 222 32.23 -47.85 -13.96
N THR B 223 31.22 -47.10 -13.51
CA THR B 223 31.26 -46.32 -12.27
C THR B 223 30.41 -46.96 -11.17
N GLN C 20 16.15 2.40 47.17
CA GLN C 20 16.84 3.35 46.29
C GLN C 20 16.07 3.66 44.99
N GLN C 21 14.77 3.35 44.96
CA GLN C 21 13.87 3.90 43.97
C GLN C 21 12.59 4.33 44.69
N SER C 22 12.13 5.54 44.40
CA SER C 22 10.91 6.05 45.00
C SER C 22 9.69 5.27 44.49
N PRO C 23 8.50 5.55 45.02
CA PRO C 23 7.30 4.87 44.52
C PRO C 23 7.00 5.26 43.07
N LEU C 24 6.31 4.38 42.37
CA LEU C 24 6.03 4.61 40.96
C LEU C 24 4.94 5.65 40.78
N ILE C 25 5.17 6.59 39.87
CA ILE C 25 4.18 7.60 39.49
C ILE C 25 3.58 7.19 38.15
N GLN C 26 2.25 7.21 38.05
CA GLN C 26 1.55 6.90 36.80
C GLN C 26 0.43 7.91 36.60
N THR C 27 0.48 8.63 35.48
CA THR C 27 -0.56 9.59 35.14
C THR C 27 -0.88 9.48 33.66
N SER C 28 -2.07 9.97 33.30
CA SER C 28 -2.48 9.90 31.91
C SER C 28 -3.58 10.93 31.72
N ASN C 29 -3.72 11.41 30.49
CA ASN C 29 -4.85 12.23 30.12
C ASN C 29 -6.06 11.39 29.69
N ALA C 30 -5.98 10.06 29.79
CA ALA C 30 -7.17 9.26 29.49
C ALA C 30 -8.30 9.67 30.41
N ASP C 31 -9.50 9.77 29.86
CA ASP C 31 -10.63 10.31 30.61
C ASP C 31 -11.86 9.46 30.27
N TYR C 32 -13.05 10.01 30.52
CA TYR C 32 -14.26 9.19 30.41
C TYR C 32 -14.51 8.70 28.98
N LYS C 33 -13.98 9.38 27.96
CA LYS C 33 -14.18 8.92 26.60
C LYS C 33 -13.65 7.51 26.43
N SER C 34 -12.58 7.15 27.13
CA SER C 34 -12.01 5.83 27.02
C SER C 34 -12.79 4.78 27.82
N GLY C 35 -13.88 5.18 28.49
CA GLY C 35 -14.76 4.20 29.12
C GLY C 35 -14.06 3.29 30.11
N LYS C 36 -14.32 1.98 29.99
CA LYS C 36 -13.82 0.99 30.93
C LYS C 36 -12.34 0.67 30.76
N ASP C 37 -11.63 1.37 29.88
CA ASP C 37 -10.18 1.26 29.76
C ASP C 37 -9.42 2.41 30.43
N GLN C 38 -10.12 3.40 30.99
CA GLN C 38 -9.44 4.60 31.50
C GLN C 38 -8.32 4.24 32.47
N GLU C 39 -8.61 3.40 33.46
CA GLU C 39 -7.60 3.08 34.47
C GLU C 39 -6.49 2.22 33.90
N LYS C 40 -6.82 1.28 33.01
CA LYS C 40 -5.76 0.46 32.43
C LYS C 40 -4.80 1.33 31.63
N LEU C 41 -5.33 2.27 30.86
CA LEU C 41 -4.49 3.25 30.17
C LEU C 41 -3.69 4.08 31.17
N ARG C 42 -4.35 4.60 32.20
CA ARG C 42 -3.63 5.38 33.20
C ARG C 42 -2.40 4.63 33.71
N THR C 43 -2.49 3.29 33.81
CA THR C 43 -1.46 2.51 34.50
C THR C 43 -0.63 1.65 33.56
N SER C 44 -0.50 2.04 32.28
CA SER C 44 0.19 1.17 31.32
C SER C 44 1.71 1.27 31.34
N VAL C 45 2.29 2.31 31.92
CA VAL C 45 3.75 2.52 31.86
C VAL C 45 4.33 2.25 33.24
N SER C 46 5.36 1.42 33.30
CA SER C 46 6.07 1.20 34.56
C SER C 46 7.57 1.26 34.34
N ILE C 47 8.28 1.67 35.39
CA ILE C 47 9.73 1.81 35.40
C ILE C 47 10.24 1.06 36.61
N ASN C 48 11.27 0.23 36.41
CA ASN C 48 11.77 -0.62 37.47
C ASN C 48 13.29 -0.61 37.46
N LEU C 49 13.88 -0.17 38.57
CA LEU C 49 15.32 -0.19 38.70
C LEU C 49 15.81 -1.63 38.68
N LEU C 50 16.93 -1.85 37.99
CA LEU C 50 17.62 -3.14 38.00
C LEU C 50 18.93 -3.10 38.78
N LYS C 51 19.72 -2.05 38.60
CA LYS C 51 21.04 -1.95 39.19
C LYS C 51 21.46 -0.49 39.21
N ALA C 52 21.82 0.01 40.38
CA ALA C 52 22.38 1.36 40.51
C ALA C 52 23.58 1.28 41.43
N GLU C 53 24.77 1.46 40.86
CA GLU C 53 25.99 1.41 41.66
C GLU C 53 27.21 1.61 40.77
N GLU C 54 28.28 2.16 41.34
CA GLU C 54 29.54 2.31 40.65
C GLU C 54 29.37 3.15 39.39
N GLY C 55 28.62 4.24 39.50
CA GLY C 55 28.51 5.17 38.40
C GLY C 55 27.63 4.71 37.27
N GLN C 56 26.78 3.70 37.49
CA GLN C 56 25.95 3.19 36.42
C GLN C 56 24.56 2.91 36.93
N ILE C 57 23.56 3.22 36.11
CA ILE C 57 22.18 2.93 36.44
C ILE C 57 21.58 2.13 35.29
N GLN C 58 20.93 1.03 35.63
CA GLN C 58 20.26 0.21 34.63
C GLN C 58 18.83 -0.03 35.09
N TRP C 59 17.88 0.22 34.19
CA TRP C 59 16.48 0.09 34.53
C TRP C 59 15.72 -0.50 33.37
N LYS C 60 14.50 -0.91 33.70
CA LYS C 60 13.59 -1.56 32.77
C LYS C 60 12.35 -0.67 32.63
N VAL C 61 11.97 -0.40 31.38
CA VAL C 61 10.74 0.32 31.05
C VAL C 61 9.78 -0.69 30.41
N THR C 62 8.57 -0.76 30.93
CA THR C 62 7.55 -1.63 30.37
C THR C 62 6.36 -0.79 29.94
N PHE C 63 5.87 -1.05 28.72
CA PHE C 63 4.69 -0.42 28.18
C PHE C 63 3.65 -1.52 27.97
N ASP C 64 2.55 -1.47 28.69
CA ASP C 64 1.47 -2.42 28.44
C ASP C 64 0.60 -1.85 27.33
N THR C 65 0.73 -2.39 26.11
CA THR C 65 0.00 -1.86 24.96
C THR C 65 -1.36 -2.50 24.74
N SER C 66 -1.81 -3.35 25.67
CA SER C 66 -3.02 -4.15 25.47
C SER C 66 -4.19 -3.31 24.99
N GLU C 67 -4.47 -2.22 25.69
CA GLU C 67 -5.70 -1.46 25.42
C GLU C 67 -5.49 -0.30 24.47
N TRP C 68 -4.36 -0.24 23.77
CA TRP C 68 -4.04 0.94 22.97
C TRP C 68 -4.35 0.78 21.48
N SER C 69 -4.62 -0.44 21.00
CA SER C 69 -4.97 -0.65 19.59
C SER C 69 -3.88 -0.10 18.68
N PHE C 70 -2.61 -0.33 19.06
CA PHE C 70 -1.52 0.13 18.23
C PHE C 70 -1.46 -0.63 16.91
N ASN C 71 -2.09 -1.80 16.84
CA ASN C 71 -2.18 -2.55 15.59
C ASN C 71 -3.16 -1.92 14.63
N VAL C 72 -4.10 -1.10 15.12
CA VAL C 72 -5.03 -0.39 14.23
C VAL C 72 -4.49 0.98 13.85
N LYS C 73 -3.92 1.69 14.83
CA LYS C 73 -3.35 3.01 14.61
C LYS C 73 -2.12 3.12 15.48
N HIS C 74 -0.97 3.38 14.86
CA HIS C 74 0.30 3.21 15.55
C HIS C 74 0.44 4.27 16.64
N GLY C 75 1.33 4.00 17.59
CA GLY C 75 1.66 4.97 18.62
C GLY C 75 3.16 5.19 18.67
N GLY C 76 3.64 5.83 19.75
CA GLY C 76 5.07 6.01 19.95
C GLY C 76 5.41 5.94 21.42
N VAL C 77 6.69 5.68 21.69
CA VAL C 77 7.18 5.67 23.07
C VAL C 77 8.35 6.64 23.20
N TYR C 78 8.51 7.16 24.42
CA TYR C 78 9.55 8.12 24.77
C TYR C 78 10.25 7.69 26.05
N PHE C 79 11.58 7.80 26.04
CA PHE C 79 12.40 7.59 27.23
C PHE C 79 13.05 8.92 27.56
N ILE C 80 12.91 9.37 28.80
CA ILE C 80 13.34 10.71 29.22
C ILE C 80 14.36 10.55 30.33
N LEU C 81 15.54 11.14 30.13
CA LEU C 81 16.67 10.98 31.01
C LEU C 81 17.01 12.31 31.64
N PRO C 82 17.50 12.30 32.87
CA PRO C 82 17.81 13.55 33.57
C PRO C 82 19.22 14.01 33.27
N ASN C 83 19.46 15.28 33.55
CA ASN C 83 20.82 15.81 33.63
C ASN C 83 21.65 14.93 34.55
N GLY C 84 22.93 14.77 34.21
CA GLY C 84 23.85 13.96 34.99
C GLY C 84 23.86 12.48 34.64
N LEU C 85 23.10 12.07 33.62
CA LEU C 85 23.01 10.67 33.23
C LEU C 85 23.12 10.58 31.71
N ASP C 86 24.02 9.73 31.23
CA ASP C 86 24.29 9.59 29.81
C ASP C 86 23.95 8.19 29.34
N LEU C 87 22.95 8.08 28.46
CA LEU C 87 22.55 6.78 27.96
C LEU C 87 23.70 6.12 27.21
N THR C 88 24.05 4.89 27.61
CA THR C 88 25.06 4.12 26.90
C THR C 88 24.52 2.86 26.23
N LYS C 89 23.34 2.39 26.60
CA LYS C 89 22.78 1.20 25.96
C LYS C 89 21.28 1.15 26.17
N ILE C 90 20.54 0.85 25.10
CA ILE C 90 19.10 0.62 25.20
C ILE C 90 18.77 -0.56 24.33
N VAL C 91 18.22 -1.61 24.93
CA VAL C 91 17.81 -2.83 24.23
C VAL C 91 16.29 -2.85 24.17
N ASP C 92 15.74 -3.33 23.06
CA ASP C 92 14.31 -3.29 22.86
C ASP C 92 13.67 -4.64 23.22
N ASN C 93 12.36 -4.77 22.95
CA ASN C 93 11.58 -5.94 23.38
C ASN C 93 12.02 -7.22 22.69
N ASN C 94 12.71 -7.12 21.56
CA ASN C 94 13.28 -8.29 20.90
C ASN C 94 14.73 -8.52 21.27
N GLN C 95 15.23 -7.80 22.28
CA GLN C 95 16.60 -7.94 22.76
C GLN C 95 17.62 -7.41 21.76
N HIS C 96 17.20 -6.64 20.76
CA HIS C 96 18.13 -5.94 19.89
C HIS C 96 18.67 -4.70 20.57
N ASP C 97 19.99 -4.53 20.57
CA ASP C 97 20.61 -3.27 20.96
C ASP C 97 20.31 -2.22 19.90
N ILE C 98 19.44 -1.26 20.22
CA ILE C 98 19.04 -0.20 19.30
C ILE C 98 19.73 1.13 19.62
N THR C 99 20.77 1.11 20.45
CA THR C 99 21.41 2.36 20.87
C THR C 99 21.85 3.18 19.65
N ALA C 100 22.51 2.53 18.70
CA ALA C 100 23.09 3.22 17.57
C ALA C 100 22.06 3.72 16.57
N SER C 101 20.80 3.30 16.67
CA SER C 101 19.80 3.79 15.72
C SER C 101 19.28 5.19 16.04
N PHE C 102 19.67 5.77 17.16
CA PHE C 102 19.20 7.11 17.53
C PHE C 102 20.18 8.15 17.04
N PRO C 103 19.69 9.24 16.44
CA PRO C 103 20.60 10.33 16.09
C PRO C 103 21.20 10.94 17.34
N THR C 104 22.37 11.56 17.16
CA THR C 104 23.02 12.29 18.25
C THR C 104 23.01 13.79 18.02
N ASP C 105 22.65 14.24 16.81
CA ASP C 105 22.56 15.64 16.46
C ASP C 105 21.10 15.93 16.12
N ILE C 106 20.45 16.80 16.89
CA ILE C 106 19.01 17.00 16.70
C ILE C 106 18.68 17.49 15.29
N ASN C 107 19.63 18.09 14.58
CA ASN C 107 19.38 18.63 13.25
C ASN C 107 19.82 17.67 12.14
N ASP C 108 20.24 16.46 12.50
CA ASP C 108 20.46 15.41 11.51
C ASP C 108 19.20 15.19 10.69
N TYR C 109 19.36 15.05 9.36
CA TYR C 109 18.17 14.78 8.56
C TYR C 109 17.46 13.52 9.04
N ARG C 110 18.21 12.54 9.55
CA ARG C 110 17.61 11.33 10.09
C ARG C 110 16.95 11.55 11.45
N ASN C 111 17.02 12.75 12.02
CA ASN C 111 16.26 13.11 13.20
C ASN C 111 14.96 13.84 12.87
N SER C 112 14.57 13.92 11.59
CA SER C 112 13.37 14.68 11.32
C SER C 112 12.15 13.77 11.47
N GLY C 113 10.96 14.35 11.32
CA GLY C 113 9.74 13.66 11.76
C GLY C 113 9.40 12.38 11.02
N GLN C 114 10.03 12.12 9.88
CA GLN C 114 9.68 10.89 9.21
C GLN C 114 10.22 9.68 9.95
N GLU C 115 11.22 9.86 10.80
CA GLU C 115 12.14 8.80 11.18
C GLU C 115 11.65 8.02 12.39
N LYS C 116 12.00 6.73 12.42
CA LYS C 116 11.50 5.87 13.49
C LYS C 116 12.13 6.20 14.84
N TYR C 117 13.44 6.47 14.85
CA TYR C 117 14.17 6.79 16.07
C TYR C 117 14.58 8.26 16.04
N ARG C 118 14.18 9.01 17.07
CA ARG C 118 14.50 10.44 17.15
C ARG C 118 15.05 10.77 18.53
N PHE C 119 15.79 11.86 18.58
CA PHE C 119 16.49 12.26 19.81
C PHE C 119 16.33 13.75 19.97
N PHE C 120 16.02 14.20 21.19
CA PHE C 120 15.93 15.61 21.50
C PHE C 120 16.71 15.89 22.77
N SER C 121 17.26 17.10 22.88
CA SER C 121 18.18 17.39 23.97
C SER C 121 18.09 18.84 24.39
N SER C 122 17.94 19.07 25.70
CA SER C 122 17.90 20.44 26.19
C SER C 122 19.20 21.16 25.91
N LYS C 123 20.32 20.43 25.88
CA LYS C 123 21.60 21.04 25.53
C LYS C 123 21.70 21.49 24.07
N GLN C 124 20.98 20.84 23.16
CA GLN C 124 21.06 21.18 21.75
C GLN C 124 19.96 22.09 21.29
N GLY C 125 18.82 22.11 21.95
CA GLY C 125 17.71 22.85 21.39
C GLY C 125 16.39 22.73 22.11
N LEU C 126 15.65 23.85 22.22
CA LEU C 126 14.48 23.93 23.08
C LEU C 126 13.16 24.05 22.34
N ASP C 127 13.08 24.85 21.28
CA ASP C 127 11.82 25.08 20.61
C ASP C 127 11.89 24.56 19.18
N ASN C 128 10.84 24.86 18.43
CA ASN C 128 10.65 24.29 17.11
C ASN C 128 10.35 22.80 17.24
N GLU C 129 10.17 22.13 16.11
CA GLU C 129 9.57 20.80 16.14
C GLU C 129 10.50 19.78 16.77
N ASN C 130 11.82 19.97 16.66
CA ASN C 130 12.77 19.09 17.29
C ASN C 130 13.31 19.66 18.61
N GLY C 131 12.62 20.65 19.18
CA GLY C 131 13.06 21.20 20.46
C GLY C 131 12.68 20.32 21.64
N PHE C 132 13.52 20.38 22.68
CA PHE C 132 13.27 19.61 23.89
C PHE C 132 11.93 19.97 24.52
N ASN C 133 11.63 21.27 24.65
CA ASN C 133 10.38 21.66 25.29
C ASN C 133 9.17 21.26 24.44
N SER C 134 9.24 21.50 23.14
CA SER C 134 8.13 21.10 22.28
C SER C 134 7.88 19.61 22.41
N GLN C 135 8.94 18.81 22.41
CA GLN C 135 8.73 17.36 22.48
C GLN C 135 8.28 16.94 23.86
N TRP C 136 8.73 17.64 24.91
CA TRP C 136 8.18 17.45 26.24
C TRP C 136 6.67 17.70 26.25
N ASN C 137 6.25 18.84 25.69
CA ASN C 137 4.84 19.15 25.65
C ASN C 137 4.04 18.08 24.94
N TRP C 138 4.62 17.43 23.91
CA TRP C 138 3.88 16.45 23.15
C TRP C 138 3.97 15.05 23.74
N SER C 139 4.68 14.89 24.85
CA SER C 139 4.86 13.59 25.47
C SER C 139 4.50 13.71 26.95
N ALA C 140 5.49 13.80 27.84
CA ALA C 140 5.18 13.81 29.28
C ALA C 140 4.18 14.90 29.62
N GLY C 141 4.33 16.08 29.01
CA GLY C 141 3.42 17.20 29.28
C GLY C 141 1.97 16.96 28.91
N GLN C 142 1.71 15.99 28.03
CA GLN C 142 0.34 15.61 27.67
C GLN C 142 -0.27 14.58 28.61
N ALA C 143 0.52 13.96 29.49
CA ALA C 143 0.04 12.86 30.30
C ALA C 143 -0.45 13.29 31.68
N ASN C 144 -1.05 14.48 31.79
CA ASN C 144 -1.45 15.09 33.06
C ASN C 144 -0.38 14.83 34.14
N PRO C 145 0.85 15.27 33.92
CA PRO C 145 1.92 14.97 34.89
C PRO C 145 1.57 15.58 36.25
N SER C 146 2.03 14.91 37.30
CA SER C 146 1.83 15.34 38.67
C SER C 146 2.84 16.44 39.04
N GLU C 147 2.63 17.04 40.22
CA GLU C 147 3.53 18.13 40.63
C GLU C 147 4.97 17.67 40.60
N THR C 148 5.23 16.48 41.16
CA THR C 148 6.59 15.95 41.20
C THR C 148 7.23 15.98 39.82
N VAL C 149 6.48 15.57 38.79
CA VAL C 149 7.06 15.54 37.45
C VAL C 149 7.22 16.95 36.90
N ASN C 150 6.21 17.80 37.11
CA ASN C 150 6.30 19.19 36.64
C ASN C 150 7.42 19.94 37.33
N SER C 151 7.78 19.55 38.56
CA SER C 151 8.87 20.22 39.26
C SER C 151 10.22 19.76 38.73
N TRP C 152 10.35 18.49 38.35
CA TRP C 152 11.56 18.08 37.64
C TRP C 152 11.78 18.94 36.41
N LYS C 153 10.71 19.19 35.64
CA LYS C 153 10.83 19.97 34.42
C LYS C 153 11.21 21.42 34.72
N SER C 154 10.44 22.09 35.58
CA SER C 154 10.71 23.50 35.88
C SER C 154 12.03 23.68 36.63
N GLY C 155 12.54 22.64 37.26
CA GLY C 155 13.83 22.68 37.90
C GLY C 155 14.99 22.32 37.01
N ASN C 156 14.76 22.15 35.71
CA ASN C 156 15.85 21.82 34.77
C ASN C 156 16.52 20.49 35.12
N ARG C 157 15.77 19.57 35.73
CA ARG C 157 16.35 18.28 36.07
C ARG C 157 16.39 17.32 34.88
N LEU C 158 15.61 17.58 33.83
CA LEU C 158 15.49 16.66 32.72
C LEU C 158 16.19 17.22 31.48
N SER C 159 16.75 16.32 30.66
CA SER C 159 17.69 16.77 29.64
C SER C 159 17.54 16.14 28.25
N LYS C 160 17.24 14.85 28.19
CA LYS C 160 17.25 14.13 26.92
C LYS C 160 15.98 13.30 26.77
N ILE C 161 15.51 13.21 25.52
CA ILE C 161 14.30 12.48 25.16
C ILE C 161 14.65 11.56 23.98
N TYR C 162 14.46 10.26 24.15
CA TYR C 162 14.60 9.29 23.09
C TYR C 162 13.20 8.84 22.68
N PHE C 163 12.93 8.81 21.38
CA PHE C 163 11.58 8.58 20.89
C PHE C 163 11.59 7.46 19.84
N ILE C 164 10.65 6.53 19.95
CA ILE C 164 10.47 5.48 18.94
C ILE C 164 9.07 5.61 18.35
N ASP C 165 9.01 5.82 17.05
CA ASP C 165 7.76 5.97 16.33
C ASP C 165 7.29 4.61 15.84
N GLN C 166 6.07 4.58 15.29
CA GLN C 166 5.49 3.40 14.64
C GLN C 166 5.52 2.17 15.55
N ILE C 167 5.03 2.34 16.77
CA ILE C 167 4.76 1.21 17.66
C ILE C 167 3.44 0.57 17.22
N THR C 168 3.48 -0.72 16.93
CA THR C 168 2.29 -1.42 16.44
C THR C 168 1.96 -2.64 17.29
N ASP C 169 2.64 -2.83 18.41
CA ASP C 169 2.49 -4.04 19.20
C ASP C 169 1.19 -4.03 20.00
N THR C 170 0.78 -5.24 20.40
CA THR C 170 -0.42 -5.51 21.16
C THR C 170 -0.12 -6.11 22.52
N THR C 171 1.14 -6.38 22.83
CA THR C 171 1.54 -7.02 24.07
C THR C 171 2.29 -6.01 24.97
N GLU C 172 2.91 -6.53 26.02
CA GLU C 172 3.81 -5.74 26.85
C GLU C 172 5.15 -5.59 26.17
N LEU C 173 5.63 -4.36 26.05
CA LEU C 173 6.98 -4.13 25.55
C LEU C 173 7.89 -3.83 26.73
N THR C 174 9.05 -4.48 26.76
CA THR C 174 10.04 -4.22 27.79
C THR C 174 11.33 -3.75 27.13
N TYR C 175 11.81 -2.59 27.55
CA TYR C 175 13.09 -2.07 27.13
C TYR C 175 14.03 -2.01 28.33
N THR C 176 15.32 -2.24 28.07
CA THR C 176 16.31 -2.22 29.14
C THR C 176 17.33 -1.13 28.80
N LEU C 177 17.41 -0.11 29.65
CA LEU C 177 18.30 1.03 29.46
C LEU C 177 19.43 0.98 30.47
N THR C 178 20.64 1.30 30.01
CA THR C 178 21.81 1.49 30.86
C THR C 178 22.37 2.87 30.61
N ALA C 179 22.80 3.54 31.68
CA ALA C 179 23.31 4.90 31.54
C ALA C 179 24.43 5.15 32.55
N LYS C 180 25.34 6.04 32.16
CA LYS C 180 26.54 6.36 32.92
C LYS C 180 26.31 7.65 33.72
N VAL C 181 26.66 7.63 35.01
CA VAL C 181 26.58 8.85 35.81
C VAL C 181 27.68 9.80 35.37
N THR C 182 27.31 11.03 35.03
CA THR C 182 28.28 12.01 34.57
C THR C 182 28.46 13.16 35.56
N GLU C 183 27.77 13.12 36.70
CA GLU C 183 27.92 14.08 37.79
C GLU C 183 28.18 13.27 39.05
N PRO C 184 29.45 13.02 39.36
CA PRO C 184 29.76 12.06 40.42
C PRO C 184 29.24 12.46 41.81
N ASN C 185 28.96 13.75 42.05
CA ASN C 185 28.43 14.19 43.33
C ASN C 185 26.91 14.31 43.34
N GLN C 186 26.24 13.86 42.26
CA GLN C 186 24.79 13.83 42.20
C GLN C 186 24.27 12.49 42.70
N GLN C 187 23.15 12.52 43.42
CA GLN C 187 22.57 11.30 43.96
C GLN C 187 21.15 11.04 43.51
N SER C 188 20.42 12.06 43.04
CA SER C 188 19.03 11.90 42.63
C SER C 188 18.94 11.84 41.10
N PHE C 189 18.29 10.81 40.57
CA PHE C 189 18.12 10.66 39.13
C PHE C 189 16.68 10.33 38.78
N PRO C 190 15.88 11.33 38.42
CA PRO C 190 14.52 11.06 37.95
C PRO C 190 14.53 10.31 36.61
N LEU C 191 13.67 9.30 36.49
CA LEU C 191 13.49 8.56 35.24
C LEU C 191 12.03 8.55 34.83
N LEU C 192 11.77 8.78 33.53
CA LEU C 192 10.41 8.84 33.00
C LEU C 192 10.33 8.11 31.66
N ALA C 193 9.10 7.76 31.30
CA ALA C 193 8.82 7.16 30.00
C ALA C 193 7.36 7.46 29.71
N VAL C 194 7.05 7.55 28.43
CA VAL C 194 5.73 7.99 27.98
C VAL C 194 5.35 7.13 26.78
N MET C 195 4.06 6.89 26.63
CA MET C 195 3.49 6.20 25.49
C MET C 195 2.21 6.93 25.09
N LYS C 196 1.94 7.00 23.79
CA LYS C 196 0.69 7.60 23.33
C LYS C 196 0.25 6.98 22.01
N SER C 197 -1.03 7.18 21.70
CA SER C 197 -1.54 6.91 20.38
C SER C 197 -1.27 8.12 19.50
N PHE C 198 -1.03 7.89 18.21
CA PHE C 198 -0.94 9.03 17.33
C PHE C 198 -2.27 9.38 16.68
N THR C 199 -3.32 8.61 16.97
CA THR C 199 -4.64 8.84 16.40
C THR C 199 -5.72 9.02 17.45
N TYR C 200 -5.83 8.11 18.42
CA TYR C 200 -6.97 8.17 19.34
C TYR C 200 -6.73 9.24 20.37
N THR C 201 -7.79 9.99 20.69
CA THR C 201 -7.74 11.17 21.54
C THR C 201 -8.67 11.04 22.72
N ASN C 202 -8.44 11.85 23.74
CA ASN C 202 -9.37 11.87 24.87
C ASN C 202 -10.51 12.82 24.51
N SER C 203 -11.41 13.07 25.47
CA SER C 203 -12.58 13.90 25.22
C SER C 203 -12.24 15.34 24.88
N LYS C 204 -11.00 15.78 25.10
CA LYS C 204 -10.58 17.13 24.78
C LYS C 204 -9.76 17.18 23.50
N SER C 205 -9.72 16.08 22.75
CA SER C 205 -9.11 16.02 21.42
C SER C 205 -7.60 16.02 21.47
N THR C 206 -7.01 15.66 22.59
CA THR C 206 -5.58 15.42 22.69
C THR C 206 -5.29 13.92 22.59
N GLU C 207 -4.21 13.58 21.89
CA GLU C 207 -3.76 12.18 21.79
C GLU C 207 -3.75 11.54 23.18
N VAL C 208 -4.31 10.32 23.27
CA VAL C 208 -4.26 9.62 24.55
C VAL C 208 -2.81 9.32 24.89
N THR C 209 -2.36 9.81 26.05
CA THR C 209 -0.97 9.76 26.46
C THR C 209 -0.88 9.32 27.91
N SER C 210 0.04 8.42 28.21
CA SER C 210 0.31 8.02 29.59
C SER C 210 1.81 8.06 29.84
N LEU C 211 2.13 8.14 31.13
CA LEU C 211 3.47 8.35 31.63
C LEU C 211 3.75 7.39 32.80
N GLY C 212 4.99 6.98 32.94
CA GLY C 212 5.45 6.34 34.16
C GLY C 212 6.76 6.98 34.59
N ALA C 213 6.90 7.19 35.90
CA ALA C 213 7.99 8.00 36.42
C ALA C 213 8.46 7.46 37.76
N ARG C 214 9.76 7.55 38.00
CA ARG C 214 10.38 7.06 39.22
C ARG C 214 11.68 7.81 39.45
N GLU C 215 12.00 8.10 40.70
CA GLU C 215 13.27 8.73 41.03
C GLU C 215 14.23 7.69 41.58
N ILE C 216 15.39 7.57 40.97
CA ILE C 216 16.44 6.71 41.50
C ILE C 216 17.38 7.54 42.37
N THR C 217 17.78 6.99 43.51
CA THR C 217 18.79 7.61 44.34
C THR C 217 20.02 6.71 44.37
N LEU C 218 21.16 7.28 44.03
CA LEU C 218 22.42 6.55 43.98
C LEU C 218 23.28 7.07 45.13
N GLU C 219 23.04 6.51 46.32
CA GLU C 219 23.78 6.91 47.50
C GLU C 219 25.27 6.66 47.31
N LYS C 220 26.06 7.25 48.20
CA LYS C 220 27.51 7.09 48.15
C LYS C 220 28.08 7.41 49.52
N GLU C 221 28.60 6.38 50.19
CA GLU C 221 29.40 6.58 51.40
C GLU C 221 30.60 5.64 51.44
N LYS C 222 30.96 4.99 50.32
CA LYS C 222 32.25 4.33 50.20
C LYS C 222 32.60 4.08 48.73
N THR C 223 31.61 3.85 47.86
CA THR C 223 31.90 3.67 46.44
C THR C 223 31.29 4.78 45.56
N GLN D 20 -34.20 -30.59 13.36
CA GLN D 20 -33.86 -30.02 12.06
C GLN D 20 -32.35 -29.82 11.88
N GLN D 21 -31.57 -30.22 12.90
CA GLN D 21 -30.13 -30.04 12.93
C GLN D 21 -29.46 -31.35 13.30
N SER D 22 -28.47 -31.77 12.52
CA SER D 22 -27.60 -32.84 12.97
C SER D 22 -26.64 -32.30 14.03
N PRO D 23 -25.89 -33.19 14.69
CA PRO D 23 -24.92 -32.71 15.68
C PRO D 23 -23.81 -31.91 15.02
N LEU D 24 -23.30 -30.93 15.77
CA LEU D 24 -22.23 -30.09 15.27
C LEU D 24 -20.97 -30.91 15.02
N ILE D 25 -20.37 -30.74 13.85
CA ILE D 25 -19.06 -31.31 13.57
C ILE D 25 -18.03 -30.19 13.71
N GLN D 26 -16.94 -30.48 14.39
CA GLN D 26 -15.87 -29.50 14.58
C GLN D 26 -14.53 -30.19 14.45
N THR D 27 -13.72 -29.75 13.51
CA THR D 27 -12.42 -30.35 13.28
C THR D 27 -11.43 -29.23 12.93
N SER D 28 -10.16 -29.54 13.09
CA SER D 28 -9.14 -28.53 12.89
C SER D 28 -7.82 -29.27 12.71
N ASN D 29 -6.89 -28.60 12.03
CA ASN D 29 -5.54 -29.11 11.99
C ASN D 29 -4.70 -28.64 13.17
N ALA D 30 -5.27 -27.91 14.12
CA ALA D 30 -4.48 -27.51 15.28
C ALA D 30 -3.94 -28.76 15.97
N ASP D 31 -2.66 -28.72 16.34
CA ASP D 31 -2.03 -29.90 16.91
C ASP D 31 -1.23 -29.47 18.15
N TYR D 32 -0.32 -30.35 18.59
CA TYR D 32 0.43 -30.09 19.81
C TYR D 32 1.18 -28.77 19.78
N LYS D 33 1.55 -28.29 18.57
CA LYS D 33 2.28 -27.03 18.51
C LYS D 33 1.52 -25.89 19.16
N SER D 34 0.18 -25.94 19.11
CA SER D 34 -0.64 -24.91 19.74
C SER D 34 -0.84 -25.14 21.23
N GLY D 35 -0.21 -26.15 21.82
CA GLY D 35 -0.23 -26.28 23.27
C GLY D 35 -1.63 -26.31 23.84
N LYS D 36 -1.82 -25.61 24.95
CA LYS D 36 -3.06 -25.61 25.71
C LYS D 36 -4.20 -24.86 25.02
N ASP D 37 -3.99 -24.36 23.80
CA ASP D 37 -5.06 -23.81 22.98
C ASP D 37 -5.62 -24.80 21.96
N GLN D 38 -5.06 -26.02 21.88
CA GLN D 38 -5.40 -26.92 20.77
C GLN D 38 -6.90 -27.17 20.71
N GLU D 39 -7.52 -27.47 21.85
CA GLU D 39 -8.94 -27.80 21.86
C GLU D 39 -9.80 -26.56 21.60
N LYS D 40 -9.44 -25.40 22.16
CA LYS D 40 -10.20 -24.18 21.89
C LYS D 40 -10.19 -23.84 20.41
N LEU D 41 -9.06 -24.02 19.73
CA LEU D 41 -8.99 -23.83 18.29
C LEU D 41 -9.85 -24.86 17.57
N ARG D 42 -9.80 -26.12 18.00
CA ARG D 42 -10.64 -27.14 17.38
C ARG D 42 -12.11 -26.73 17.38
N THR D 43 -12.56 -26.07 18.43
CA THR D 43 -13.98 -25.87 18.66
C THR D 43 -14.40 -24.41 18.47
N SER D 44 -13.66 -23.66 17.65
CA SER D 44 -13.95 -22.24 17.49
C SER D 44 -15.12 -21.95 16.56
N VAL D 45 -15.52 -22.89 15.70
CA VAL D 45 -16.51 -22.63 14.67
C VAL D 45 -17.81 -23.34 15.03
N SER D 46 -18.90 -22.58 15.12
CA SER D 46 -20.20 -23.19 15.36
C SER D 46 -21.22 -22.65 14.36
N ILE D 47 -22.23 -23.48 14.10
CA ILE D 47 -23.34 -23.17 13.21
C ILE D 47 -24.63 -23.48 13.96
N ASN D 48 -25.62 -22.58 13.84
CA ASN D 48 -26.88 -22.80 14.53
C ASN D 48 -28.03 -22.39 13.63
N LEU D 49 -28.95 -23.32 13.38
CA LEU D 49 -30.11 -23.06 12.55
C LEU D 49 -31.04 -22.04 13.19
N LEU D 50 -31.51 -21.08 12.40
CA LEU D 50 -32.59 -20.19 12.83
C LEU D 50 -33.95 -20.65 12.33
N LYS D 51 -34.12 -20.78 11.01
CA LYS D 51 -35.32 -21.37 10.45
C LYS D 51 -34.99 -22.12 9.16
N ALA D 52 -35.72 -23.21 8.92
CA ALA D 52 -35.62 -23.99 7.69
C ALA D 52 -37.06 -24.37 7.34
N GLU D 53 -37.72 -23.51 6.55
CA GLU D 53 -39.12 -23.74 6.24
C GLU D 53 -39.56 -22.83 5.10
N GLU D 54 -40.63 -23.26 4.44
CA GLU D 54 -41.29 -22.48 3.40
C GLU D 54 -40.27 -21.96 2.39
N GLY D 55 -39.39 -22.85 1.95
CA GLY D 55 -38.48 -22.55 0.87
C GLY D 55 -37.28 -21.70 1.23
N GLN D 56 -36.98 -21.54 2.52
CA GLN D 56 -35.92 -20.63 2.95
C GLN D 56 -35.23 -21.19 4.17
N ILE D 57 -33.89 -21.08 4.19
CA ILE D 57 -33.09 -21.51 5.34
C ILE D 57 -32.31 -20.30 5.85
N GLN D 58 -32.35 -20.07 7.16
CA GLN D 58 -31.60 -19.01 7.80
C GLN D 58 -30.79 -19.59 8.95
N TRP D 59 -29.49 -19.29 9.00
CA TRP D 59 -28.65 -19.79 10.08
C TRP D 59 -27.70 -18.70 10.58
N LYS D 60 -27.09 -18.96 11.73
CA LYS D 60 -26.04 -18.12 12.28
C LYS D 60 -24.75 -18.91 12.30
N VAL D 61 -23.68 -18.29 11.85
CA VAL D 61 -22.33 -18.84 11.92
C VAL D 61 -21.56 -18.04 12.95
N THR D 62 -20.96 -18.73 13.92
CA THR D 62 -20.24 -18.07 15.00
C THR D 62 -18.78 -18.50 14.99
N PHE D 63 -17.87 -17.53 14.97
CA PHE D 63 -16.44 -17.77 15.02
C PHE D 63 -15.88 -17.24 16.34
N ASP D 64 -15.31 -18.13 17.15
CA ASP D 64 -14.63 -17.73 18.38
C ASP D 64 -13.18 -17.40 18.05
N THR D 65 -12.88 -16.11 17.88
CA THR D 65 -11.56 -15.68 17.44
C THR D 65 -10.57 -15.51 18.59
N SER D 66 -10.96 -15.82 19.83
CA SER D 66 -10.22 -15.30 20.97
C SER D 66 -8.82 -15.90 21.07
N GLU D 67 -8.61 -17.15 20.69
CA GLU D 67 -7.27 -17.73 20.77
C GLU D 67 -6.50 -17.65 19.45
N TRP D 68 -6.98 -16.88 18.48
CA TRP D 68 -6.39 -16.90 17.14
C TRP D 68 -5.41 -15.76 16.88
N SER D 69 -5.35 -14.76 17.75
CA SER D 69 -4.38 -13.65 17.57
C SER D 69 -4.53 -12.99 16.21
N PHE D 70 -5.78 -12.77 15.78
CA PHE D 70 -6.02 -12.09 14.50
C PHE D 70 -5.63 -10.62 14.56
N ASN D 71 -5.62 -10.01 15.76
CA ASN D 71 -5.14 -8.64 15.93
C ASN D 71 -3.63 -8.53 15.76
N VAL D 72 -2.91 -9.64 15.75
CA VAL D 72 -1.47 -9.67 15.44
C VAL D 72 -1.26 -10.02 13.97
N LYS D 73 -1.77 -11.17 13.55
CA LYS D 73 -1.71 -11.58 12.14
C LYS D 73 -3.12 -11.94 11.70
N HIS D 74 -3.62 -11.23 10.68
CA HIS D 74 -5.01 -11.35 10.28
C HIS D 74 -5.32 -12.76 9.79
N GLY D 75 -6.61 -13.09 9.80
CA GLY D 75 -7.09 -14.37 9.33
C GLY D 75 -8.18 -14.19 8.30
N GLY D 76 -8.92 -15.26 8.00
CA GLY D 76 -10.04 -15.17 7.09
C GLY D 76 -11.09 -16.19 7.50
N VAL D 77 -12.32 -15.94 7.05
CA VAL D 77 -13.42 -16.86 7.29
C VAL D 77 -14.08 -17.21 5.97
N TYR D 78 -14.69 -18.39 5.93
CA TYR D 78 -15.32 -19.00 4.76
C TYR D 78 -16.71 -19.52 5.12
N PHE D 79 -17.70 -19.21 4.30
CA PHE D 79 -19.03 -19.74 4.44
C PHE D 79 -19.27 -20.64 3.24
N ILE D 80 -19.54 -21.91 3.47
CA ILE D 80 -19.70 -22.86 2.37
C ILE D 80 -21.15 -23.32 2.33
N LEU D 81 -21.78 -23.19 1.15
CA LEU D 81 -23.17 -23.51 0.89
C LEU D 81 -23.27 -24.72 -0.04
N PRO D 82 -24.29 -25.56 0.16
CA PRO D 82 -24.44 -26.77 -0.66
C PRO D 82 -25.26 -26.48 -1.91
N ASN D 83 -25.23 -27.44 -2.85
CA ASN D 83 -26.15 -27.40 -3.97
C ASN D 83 -27.59 -27.38 -3.49
N GLY D 84 -28.43 -26.60 -4.16
CA GLY D 84 -29.82 -26.45 -3.75
C GLY D 84 -30.11 -25.30 -2.82
N LEU D 85 -29.10 -24.50 -2.49
CA LEU D 85 -29.25 -23.28 -1.69
C LEU D 85 -28.58 -22.13 -2.42
N ASP D 86 -29.28 -21.00 -2.54
CA ASP D 86 -28.69 -19.78 -3.10
C ASP D 86 -28.72 -18.68 -2.04
N LEU D 87 -27.56 -18.12 -1.74
CA LEU D 87 -27.47 -17.07 -0.74
C LEU D 87 -28.25 -15.84 -1.20
N THR D 88 -29.16 -15.38 -0.33
CA THR D 88 -29.90 -14.15 -0.55
C THR D 88 -29.51 -13.04 0.40
N LYS D 89 -28.89 -13.34 1.53
CA LYS D 89 -28.51 -12.31 2.48
C LYS D 89 -27.47 -12.84 3.48
N ILE D 90 -26.44 -12.06 3.73
CA ILE D 90 -25.47 -12.33 4.78
C ILE D 90 -25.24 -11.03 5.55
N VAL D 91 -25.36 -11.09 6.88
CA VAL D 91 -25.24 -9.94 7.77
C VAL D 91 -24.06 -10.20 8.71
N ASP D 92 -23.11 -9.26 8.74
CA ASP D 92 -21.88 -9.45 9.49
C ASP D 92 -22.08 -9.13 10.97
N ASN D 93 -20.99 -9.19 11.75
CA ASN D 93 -21.06 -9.06 13.21
C ASN D 93 -21.40 -7.64 13.64
N ASN D 94 -21.13 -6.66 12.78
CA ASN D 94 -21.53 -5.26 12.99
C ASN D 94 -22.86 -4.96 12.38
N GLN D 95 -23.53 -5.96 11.86
CA GLN D 95 -24.94 -5.92 11.54
C GLN D 95 -25.13 -5.08 10.25
N HIS D 96 -24.04 -5.03 9.46
CA HIS D 96 -24.04 -4.56 8.08
C HIS D 96 -24.36 -5.70 7.13
N ASP D 97 -25.29 -5.44 6.23
CA ASP D 97 -25.62 -6.35 5.14
C ASP D 97 -24.47 -6.28 4.14
N ILE D 98 -23.64 -7.34 4.12
CA ILE D 98 -22.52 -7.37 3.20
C ILE D 98 -22.80 -8.21 1.96
N THR D 99 -24.03 -8.71 1.80
CA THR D 99 -24.35 -9.58 0.67
C THR D 99 -23.77 -9.06 -0.62
N ALA D 100 -23.99 -7.76 -0.91
CA ALA D 100 -23.64 -7.21 -2.21
C ALA D 100 -22.15 -6.96 -2.38
N SER D 101 -21.35 -7.08 -1.31
CA SER D 101 -19.91 -6.92 -1.46
C SER D 101 -19.25 -8.12 -2.13
N PHE D 102 -19.93 -9.28 -2.16
CA PHE D 102 -19.33 -10.45 -2.77
C PHE D 102 -19.55 -10.42 -4.28
N PRO D 103 -18.51 -10.62 -5.08
CA PRO D 103 -18.74 -10.76 -6.53
C PRO D 103 -19.68 -11.91 -6.80
N THR D 104 -20.31 -11.86 -7.96
CA THR D 104 -21.09 -12.99 -8.46
C THR D 104 -20.40 -13.72 -9.59
N ASP D 105 -19.36 -13.13 -10.20
CA ASP D 105 -18.61 -13.73 -11.28
C ASP D 105 -17.18 -13.94 -10.77
N ILE D 106 -16.72 -15.19 -10.76
CA ILE D 106 -15.45 -15.49 -10.11
C ILE D 106 -14.28 -14.82 -10.81
N ASN D 107 -14.46 -14.38 -12.06
CA ASN D 107 -13.41 -13.68 -12.79
C ASN D 107 -13.55 -12.17 -12.77
N ASP D 108 -14.55 -11.65 -12.07
CA ASP D 108 -14.66 -10.22 -11.82
C ASP D 108 -13.35 -9.68 -11.28
N TYR D 109 -12.94 -8.52 -11.80
CA TYR D 109 -11.85 -7.72 -11.27
C TYR D 109 -11.86 -7.67 -9.74
N ARG D 110 -13.03 -7.39 -9.15
CA ARG D 110 -13.13 -7.31 -7.70
C ARG D 110 -12.93 -8.65 -7.00
N ASN D 111 -12.98 -9.78 -7.72
CA ASN D 111 -12.75 -11.09 -7.11
C ASN D 111 -11.27 -11.47 -7.04
N SER D 112 -10.38 -10.49 -7.13
CA SER D 112 -8.95 -10.76 -7.21
C SER D 112 -8.40 -11.19 -5.86
N GLY D 113 -7.22 -11.81 -5.94
CA GLY D 113 -6.62 -12.51 -4.82
C GLY D 113 -6.38 -11.66 -3.59
N GLN D 114 -6.55 -10.36 -3.67
CA GLN D 114 -6.28 -9.53 -2.49
C GLN D 114 -7.42 -8.56 -2.23
N GLU D 115 -8.64 -8.98 -2.55
CA GLU D 115 -9.85 -8.27 -2.16
C GLU D 115 -10.42 -8.92 -0.90
N LYS D 116 -11.19 -8.13 -0.15
CA LYS D 116 -11.66 -8.60 1.15
C LYS D 116 -12.81 -9.61 1.01
N TYR D 117 -13.70 -9.42 0.05
CA TYR D 117 -14.88 -10.26 -0.13
C TYR D 117 -14.74 -11.03 -1.43
N ARG D 118 -14.60 -12.34 -1.34
CA ARG D 118 -14.43 -13.17 -2.53
C ARG D 118 -15.48 -14.28 -2.58
N PHE D 119 -15.59 -14.87 -3.77
CA PHE D 119 -16.66 -15.80 -4.07
C PHE D 119 -16.12 -16.83 -5.06
N PHE D 120 -16.33 -18.10 -4.74
CA PHE D 120 -15.94 -19.22 -5.60
C PHE D 120 -17.13 -20.15 -5.75
N SER D 121 -17.21 -20.82 -6.90
CA SER D 121 -18.41 -21.55 -7.27
C SER D 121 -18.03 -22.72 -8.17
N SER D 122 -18.44 -23.93 -7.77
CA SER D 122 -18.18 -25.09 -8.60
C SER D 122 -18.90 -25.00 -9.93
N LYS D 123 -19.90 -24.13 -10.03
CA LYS D 123 -20.60 -23.93 -11.30
C LYS D 123 -19.80 -23.10 -12.29
N GLN D 124 -18.82 -22.30 -11.82
CA GLN D 124 -18.05 -21.42 -12.70
C GLN D 124 -16.61 -21.83 -12.88
N GLY D 125 -16.02 -22.54 -11.93
CA GLY D 125 -14.59 -22.81 -12.01
C GLY D 125 -14.14 -23.71 -10.88
N LEU D 126 -13.32 -24.70 -11.20
CA LEU D 126 -12.89 -25.69 -10.23
C LEU D 126 -11.43 -25.54 -9.84
N ASP D 127 -10.57 -25.14 -10.77
CA ASP D 127 -9.14 -25.06 -10.52
C ASP D 127 -8.66 -23.63 -10.69
N ASN D 128 -7.34 -23.46 -10.69
CA ASN D 128 -6.73 -22.14 -10.66
C ASN D 128 -7.06 -21.47 -9.34
N GLU D 129 -6.50 -20.29 -9.10
CA GLU D 129 -6.52 -19.75 -7.75
C GLU D 129 -7.94 -19.38 -7.30
N ASN D 130 -8.82 -19.06 -8.24
CA ASN D 130 -10.21 -18.74 -7.90
C ASN D 130 -11.14 -19.95 -8.09
N GLY D 131 -10.59 -21.16 -8.18
CA GLY D 131 -11.42 -22.33 -8.37
C GLY D 131 -12.02 -22.84 -7.05
N PHE D 132 -13.21 -23.44 -7.17
CA PHE D 132 -13.88 -24.01 -6.02
C PHE D 132 -13.03 -25.07 -5.33
N ASN D 133 -12.38 -25.93 -6.11
CA ASN D 133 -11.60 -27.00 -5.51
C ASN D 133 -10.32 -26.47 -4.87
N SER D 134 -9.67 -25.52 -5.54
CA SER D 134 -8.48 -24.89 -4.97
C SER D 134 -8.79 -24.28 -3.62
N GLN D 135 -9.90 -23.55 -3.53
CA GLN D 135 -10.25 -22.86 -2.29
C GLN D 135 -10.75 -23.85 -1.24
N TRP D 136 -11.42 -24.92 -1.65
CA TRP D 136 -11.79 -25.96 -0.71
C TRP D 136 -10.55 -26.50 0.00
N ASN D 137 -9.50 -26.79 -0.76
CA ASN D 137 -8.32 -27.41 -0.17
C ASN D 137 -7.57 -26.47 0.75
N TRP D 138 -7.76 -25.16 0.59
CA TRP D 138 -7.14 -24.16 1.47
C TRP D 138 -8.03 -23.77 2.64
N SER D 139 -9.25 -24.30 2.71
CA SER D 139 -10.19 -23.99 3.77
C SER D 139 -10.63 -25.29 4.43
N ALA D 140 -11.82 -25.80 4.07
CA ALA D 140 -12.31 -27.01 4.71
C ALA D 140 -11.34 -28.18 4.55
N GLY D 141 -10.73 -28.32 3.37
CA GLY D 141 -9.79 -29.42 3.15
C GLY D 141 -8.59 -29.41 4.09
N GLN D 142 -8.21 -28.23 4.58
CA GLN D 142 -7.10 -28.06 5.52
C GLN D 142 -7.48 -28.32 6.97
N ALA D 143 -8.76 -28.39 7.28
CA ALA D 143 -9.24 -28.47 8.66
C ALA D 143 -9.37 -29.89 9.15
N ASN D 144 -8.53 -30.81 8.67
CA ASN D 144 -8.61 -32.22 9.03
C ASN D 144 -10.06 -32.71 8.97
N PRO D 145 -10.75 -32.47 7.85
CA PRO D 145 -12.18 -32.78 7.81
C PRO D 145 -12.44 -34.28 8.00
N SER D 146 -13.60 -34.58 8.61
CA SER D 146 -13.99 -35.95 8.91
C SER D 146 -14.56 -36.62 7.66
N GLU D 147 -14.87 -37.91 7.78
CA GLU D 147 -15.36 -38.64 6.62
C GLU D 147 -16.69 -38.09 6.13
N THR D 148 -17.56 -37.72 7.07
CA THR D 148 -18.84 -37.11 6.69
C THR D 148 -18.63 -35.90 5.79
N VAL D 149 -17.65 -35.06 6.12
CA VAL D 149 -17.42 -33.82 5.36
C VAL D 149 -16.74 -34.15 4.04
N ASN D 150 -15.82 -35.11 4.05
CA ASN D 150 -15.18 -35.50 2.80
C ASN D 150 -16.17 -36.15 1.85
N SER D 151 -17.22 -36.79 2.36
CA SER D 151 -18.22 -37.40 1.48
C SER D 151 -19.18 -36.38 0.89
N TRP D 152 -19.51 -35.31 1.63
CA TRP D 152 -20.25 -34.22 1.02
C TRP D 152 -19.52 -33.72 -0.22
N LYS D 153 -18.21 -33.51 -0.07
CA LYS D 153 -17.38 -33.01 -1.16
C LYS D 153 -17.37 -33.98 -2.32
N SER D 154 -17.20 -35.28 -2.03
CA SER D 154 -17.07 -36.26 -3.09
C SER D 154 -18.42 -36.54 -3.76
N GLY D 155 -19.52 -36.36 -3.03
CA GLY D 155 -20.83 -36.46 -3.65
C GLY D 155 -21.30 -35.22 -4.37
N ASN D 156 -20.44 -34.22 -4.57
CA ASN D 156 -20.84 -32.98 -5.24
C ASN D 156 -22.02 -32.31 -4.55
N ARG D 157 -22.11 -32.43 -3.23
CA ARG D 157 -23.21 -31.81 -2.50
CA ARG D 157 -23.19 -31.81 -2.45
C ARG D 157 -22.91 -30.35 -2.12
N LEU D 158 -21.67 -29.89 -2.27
CA LEU D 158 -21.32 -28.49 -1.99
C LEU D 158 -20.95 -27.77 -3.27
N SER D 159 -21.23 -26.45 -3.32
CA SER D 159 -20.97 -25.71 -4.57
C SER D 159 -20.48 -24.28 -4.39
N LYS D 160 -20.73 -23.59 -3.30
CA LYS D 160 -20.39 -22.17 -3.24
C LYS D 160 -19.63 -21.86 -1.97
N ILE D 161 -18.58 -21.04 -2.11
CA ILE D 161 -17.76 -20.58 -0.99
C ILE D 161 -17.76 -19.07 -1.00
N TYR D 162 -18.07 -18.47 0.14
CA TYR D 162 -17.92 -17.03 0.36
C TYR D 162 -16.79 -16.80 1.35
N PHE D 163 -15.88 -15.90 1.00
CA PHE D 163 -14.67 -15.68 1.78
C PHE D 163 -14.53 -14.22 2.18
N ILE D 164 -14.15 -13.99 3.44
CA ILE D 164 -13.90 -12.65 3.96
C ILE D 164 -12.47 -12.62 4.49
N ASP D 165 -11.62 -11.82 3.86
CA ASP D 165 -10.22 -11.68 4.26
C ASP D 165 -10.05 -10.63 5.37
N GLN D 166 -8.82 -10.47 5.84
CA GLN D 166 -8.44 -9.40 6.78
C GLN D 166 -9.35 -9.34 8.00
N ILE D 167 -9.60 -10.52 8.60
CA ILE D 167 -10.27 -10.58 9.90
C ILE D 167 -9.23 -10.27 10.96
N THR D 168 -9.51 -9.28 11.82
CA THR D 168 -8.58 -8.89 12.85
C THR D 168 -9.21 -8.84 14.23
N ASP D 169 -10.45 -9.27 14.37
CA ASP D 169 -11.17 -9.17 15.64
C ASP D 169 -10.64 -10.19 16.65
N THR D 170 -10.98 -9.96 17.92
CA THR D 170 -10.62 -10.85 19.03
C THR D 170 -11.84 -11.32 19.82
N THR D 171 -13.04 -10.89 19.43
CA THR D 171 -14.32 -11.29 19.98
C THR D 171 -14.87 -12.51 19.24
N GLU D 172 -16.03 -12.98 19.71
CA GLU D 172 -16.90 -13.83 18.91
C GLU D 172 -17.42 -13.03 17.72
N LEU D 173 -17.40 -13.65 16.55
CA LEU D 173 -18.03 -13.05 15.38
C LEU D 173 -19.24 -13.89 15.00
N THR D 174 -20.38 -13.24 14.84
CA THR D 174 -21.61 -13.93 14.47
C THR D 174 -22.15 -13.35 13.17
N TYR D 175 -22.24 -14.19 12.14
CA TYR D 175 -22.85 -13.83 10.88
C TYR D 175 -24.20 -14.51 10.76
N THR D 176 -25.16 -13.80 10.16
CA THR D 176 -26.49 -14.33 9.91
C THR D 176 -26.68 -14.49 8.41
N LEU D 177 -26.97 -15.72 7.97
CA LEU D 177 -27.09 -16.04 6.55
C LEU D 177 -28.51 -16.48 6.20
N THR D 178 -29.01 -16.02 5.07
CA THR D 178 -30.32 -16.42 4.55
C THR D 178 -30.14 -16.97 3.15
N ALA D 179 -30.85 -18.05 2.82
CA ALA D 179 -30.67 -18.67 1.52
C ALA D 179 -31.99 -19.25 1.00
N LYS D 180 -32.20 -19.12 -0.31
CA LYS D 180 -33.37 -19.66 -0.96
C LYS D 180 -33.11 -21.11 -1.37
N VAL D 181 -34.06 -22.00 -1.07
CA VAL D 181 -33.99 -23.39 -1.54
C VAL D 181 -34.31 -23.42 -3.02
N THR D 182 -33.35 -23.88 -3.83
CA THR D 182 -33.55 -23.93 -5.27
C THR D 182 -33.80 -25.34 -5.79
N GLU D 183 -33.69 -26.37 -4.95
CA GLU D 183 -33.99 -27.75 -5.35
C GLU D 183 -35.23 -28.17 -4.59
N PRO D 184 -36.40 -28.16 -5.23
CA PRO D 184 -37.63 -28.44 -4.49
C PRO D 184 -37.70 -29.83 -3.89
N ASN D 185 -36.96 -30.81 -4.39
CA ASN D 185 -37.03 -32.15 -3.84
C ASN D 185 -35.96 -32.45 -2.79
N GLN D 186 -35.23 -31.45 -2.34
CA GLN D 186 -34.16 -31.67 -1.39
C GLN D 186 -34.65 -31.33 0.01
N GLN D 187 -34.40 -32.23 0.97
CA GLN D 187 -34.75 -31.99 2.36
C GLN D 187 -33.55 -31.76 3.28
N SER D 188 -32.37 -32.26 2.95
CA SER D 188 -31.22 -32.15 3.84
C SER D 188 -30.13 -31.32 3.17
N PHE D 189 -29.60 -30.36 3.91
CA PHE D 189 -28.67 -29.36 3.39
C PHE D 189 -27.46 -29.26 4.30
N PRO D 190 -26.29 -29.73 3.84
CA PRO D 190 -25.06 -29.53 4.63
C PRO D 190 -24.64 -28.07 4.64
N LEU D 191 -24.31 -27.57 5.83
CA LEU D 191 -23.78 -26.21 5.99
C LEU D 191 -22.40 -26.28 6.66
N LEU D 192 -21.47 -25.45 6.20
CA LEU D 192 -20.11 -25.47 6.73
C LEU D 192 -19.58 -24.06 6.81
N ALA D 193 -18.71 -23.82 7.79
CA ALA D 193 -17.95 -22.59 7.87
C ALA D 193 -16.52 -22.94 8.27
N VAL D 194 -15.58 -22.06 7.92
CA VAL D 194 -14.17 -22.29 8.17
C VAL D 194 -13.54 -20.98 8.62
N MET D 195 -12.53 -21.09 9.49
CA MET D 195 -11.69 -19.96 9.83
C MET D 195 -10.23 -20.40 9.80
N LYS D 196 -9.36 -19.48 9.40
CA LYS D 196 -7.93 -19.79 9.42
C LYS D 196 -7.15 -18.52 9.75
N SER D 197 -5.94 -18.74 10.26
CA SER D 197 -4.87 -17.75 10.28
C SER D 197 -4.14 -17.75 8.95
N PHE D 198 -3.65 -16.58 8.54
CA PHE D 198 -2.79 -16.54 7.35
C PHE D 198 -1.30 -16.47 7.70
N THR D 199 -0.93 -16.70 8.95
CA THR D 199 0.48 -16.70 9.33
C THR D 199 0.82 -17.88 10.22
N TYR D 200 0.10 -18.06 11.32
CA TYR D 200 0.45 -19.11 12.27
C TYR D 200 0.07 -20.47 11.70
N THR D 201 0.99 -21.42 11.85
CA THR D 201 0.86 -22.75 11.26
C THR D 201 0.99 -23.79 12.37
N ASN D 202 0.53 -25.01 12.07
CA ASN D 202 0.68 -26.13 12.99
C ASN D 202 2.08 -26.72 12.79
N SER D 203 2.34 -27.88 13.40
CA SER D 203 3.68 -28.48 13.34
C SER D 203 4.03 -29.04 11.96
N LYS D 204 3.05 -29.16 11.06
CA LYS D 204 3.30 -29.54 9.67
C LYS D 204 3.37 -28.33 8.75
N SER D 205 3.43 -27.13 9.32
CA SER D 205 3.62 -25.87 8.57
C SER D 205 2.45 -25.56 7.64
N THR D 206 1.26 -26.00 8.01
CA THR D 206 0.04 -25.56 7.37
C THR D 206 -0.65 -24.56 8.29
N GLU D 207 -1.04 -23.42 7.71
CA GLU D 207 -1.79 -22.44 8.44
C GLU D 207 -2.88 -23.10 9.29
N VAL D 208 -2.98 -22.66 10.55
CA VAL D 208 -3.98 -23.25 11.44
C VAL D 208 -5.37 -22.95 10.90
N THR D 209 -6.22 -23.98 10.86
CA THR D 209 -7.51 -23.93 10.17
C THR D 209 -8.51 -24.78 10.94
N SER D 210 -9.71 -24.25 11.14
CA SER D 210 -10.79 -24.99 11.81
C SER D 210 -12.08 -24.86 11.02
N LEU D 211 -12.92 -25.89 11.09
CA LEU D 211 -14.24 -25.83 10.50
C LEU D 211 -15.30 -26.21 11.52
N GLY D 212 -16.50 -25.70 11.27
CA GLY D 212 -17.70 -26.25 11.89
C GLY D 212 -18.70 -26.57 10.82
N ALA D 213 -19.51 -27.61 11.08
CA ALA D 213 -20.43 -28.08 10.05
C ALA D 213 -21.56 -28.88 10.68
N ARG D 214 -22.76 -28.73 10.11
CA ARG D 214 -23.88 -29.62 10.40
C ARG D 214 -24.85 -29.62 9.23
N GLU D 215 -25.67 -30.67 9.17
CA GLU D 215 -26.66 -30.84 8.13
C GLU D 215 -28.03 -30.39 8.65
N ILE D 216 -28.70 -29.54 7.87
CA ILE D 216 -30.05 -29.08 8.18
C ILE D 216 -31.06 -29.92 7.40
N THR D 217 -32.23 -30.17 8.00
CA THR D 217 -33.34 -30.76 7.26
C THR D 217 -34.60 -29.90 7.40
N LEU D 218 -35.34 -29.79 6.29
CA LEU D 218 -36.61 -29.08 6.25
C LEU D 218 -37.75 -29.97 6.75
N GLU D 219 -38.93 -29.39 6.87
CA GLU D 219 -40.11 -30.12 7.32
C GLU D 219 -41.38 -29.27 7.21
N LYS D 220 -42.28 -29.65 6.30
CA LYS D 220 -43.65 -29.15 6.26
C LYS D 220 -44.49 -30.07 5.38
N GLU D 221 -45.36 -29.54 4.50
CA GLU D 221 -46.05 -30.45 3.58
C GLU D 221 -47.03 -29.78 2.63
N LYS D 222 -47.75 -28.72 3.06
CA LYS D 222 -48.76 -28.10 2.20
C LYS D 222 -48.59 -26.59 2.08
N THR D 223 -47.54 -26.01 2.68
CA THR D 223 -47.30 -24.55 2.73
C THR D 223 -48.47 -23.66 2.26
N GLN E 20 -43.35 15.76 1.42
CA GLN E 20 -42.05 15.08 1.47
C GLN E 20 -41.33 15.11 0.13
N GLN E 21 -42.10 15.24 -0.95
CA GLN E 21 -41.56 15.16 -2.29
C GLN E 21 -42.07 16.35 -3.10
N SER E 22 -41.17 17.11 -3.69
CA SER E 22 -41.53 18.27 -4.49
C SER E 22 -42.08 17.85 -5.84
N PRO E 23 -42.69 18.77 -6.57
CA PRO E 23 -43.08 18.46 -7.94
C PRO E 23 -41.88 18.06 -8.78
N LEU E 24 -42.12 17.16 -9.74
CA LEU E 24 -41.07 16.69 -10.62
C LEU E 24 -40.63 17.77 -11.60
N ILE E 25 -39.32 17.87 -11.79
CA ILE E 25 -38.71 18.78 -12.75
C ILE E 25 -38.22 17.95 -13.95
N GLN E 26 -38.52 18.43 -15.15
CA GLN E 26 -38.07 17.77 -16.37
C GLN E 26 -37.65 18.83 -17.37
N THR E 27 -36.38 18.84 -17.74
CA THR E 27 -35.90 19.74 -18.77
C THR E 27 -35.03 18.96 -19.76
N SER E 28 -34.86 19.55 -20.94
CA SER E 28 -34.11 18.89 -22.01
C SER E 28 -33.66 19.91 -23.04
N ASN E 29 -32.51 19.67 -23.65
CA ASN E 29 -32.10 20.44 -24.81
C ASN E 29 -32.73 19.95 -26.11
N ALA E 30 -33.70 19.02 -26.03
CA ALA E 30 -34.38 18.57 -27.24
C ALA E 30 -35.18 19.73 -27.83
N ASP E 31 -35.10 19.90 -29.15
CA ASP E 31 -35.66 21.08 -29.80
C ASP E 31 -36.35 20.65 -31.11
N TYR E 32 -36.67 21.64 -31.95
CA TYR E 32 -37.45 21.38 -33.16
C TYR E 32 -36.85 20.31 -34.04
N LYS E 33 -35.54 20.05 -33.93
CA LYS E 33 -34.94 19.04 -34.80
C LYS E 33 -35.50 17.65 -34.51
N SER E 34 -35.93 17.40 -33.28
CA SER E 34 -36.52 16.12 -32.92
C SER E 34 -38.01 16.03 -33.29
N GLY E 35 -38.58 17.05 -33.92
CA GLY E 35 -39.94 16.95 -34.41
C GLY E 35 -40.91 16.52 -33.33
N LYS E 36 -41.78 15.57 -33.66
CA LYS E 36 -42.87 15.17 -32.79
C LYS E 36 -42.42 14.25 -31.64
N ASP E 37 -41.12 14.05 -31.46
CA ASP E 37 -40.60 13.45 -30.24
C ASP E 37 -40.10 14.47 -29.22
N GLN E 38 -40.10 15.76 -29.56
CA GLN E 38 -39.44 16.74 -28.70
C GLN E 38 -39.98 16.68 -27.26
N GLU E 39 -41.30 16.63 -27.12
CA GLU E 39 -41.89 16.65 -25.78
C GLU E 39 -41.72 15.31 -25.06
N LYS E 40 -41.72 14.18 -25.79
CA LYS E 40 -41.47 12.89 -25.15
C LYS E 40 -40.02 12.77 -24.70
N LEU E 41 -39.09 13.34 -25.47
CA LEU E 41 -37.71 13.39 -25.01
C LEU E 41 -37.59 14.27 -23.76
N ARG E 42 -38.27 15.43 -23.77
CA ARG E 42 -38.20 16.33 -22.62
C ARG E 42 -38.66 15.65 -21.34
N THR E 43 -39.57 14.68 -21.43
CA THR E 43 -40.22 14.09 -20.26
C THR E 43 -39.86 12.63 -20.06
N SER E 44 -38.69 12.23 -20.53
CA SER E 44 -38.28 10.83 -20.45
C SER E 44 -37.82 10.42 -19.06
N VAL E 45 -37.28 11.35 -18.28
CA VAL E 45 -36.62 11.05 -17.00
C VAL E 45 -37.58 11.36 -15.85
N SER E 46 -37.91 10.36 -15.04
CA SER E 46 -38.72 10.62 -13.86
C SER E 46 -38.02 10.15 -12.59
N ILE E 47 -38.34 10.81 -11.48
CA ILE E 47 -37.82 10.49 -10.16
C ILE E 47 -39.00 10.40 -9.20
N ASN E 48 -39.07 9.31 -8.43
CA ASN E 48 -40.16 9.09 -7.49
C ASN E 48 -39.66 8.55 -6.17
N LEU E 49 -40.07 9.18 -5.09
CA LEU E 49 -39.65 8.78 -3.76
C LEU E 49 -40.36 7.49 -3.37
N LEU E 50 -39.60 6.53 -2.85
CA LEU E 50 -40.18 5.30 -2.32
C LEU E 50 -40.32 5.36 -0.80
N LYS E 51 -39.26 5.75 -0.09
CA LYS E 51 -39.36 5.94 1.35
C LYS E 51 -38.26 6.89 1.81
N ALA E 52 -38.61 7.79 2.73
CA ALA E 52 -37.63 8.71 3.32
C ALA E 52 -37.88 8.76 4.83
N GLU E 53 -37.07 8.02 5.58
CA GLU E 53 -37.22 8.02 7.03
C GLU E 53 -36.21 7.09 7.70
N GLU E 54 -35.87 7.40 8.96
CA GLU E 54 -34.93 6.62 9.79
C GLU E 54 -33.50 6.71 9.26
N GLY E 55 -33.09 7.90 8.81
CA GLY E 55 -31.75 8.09 8.31
C GLY E 55 -31.52 7.52 6.93
N GLN E 56 -32.59 7.23 6.19
CA GLN E 56 -32.46 6.58 4.89
C GLN E 56 -33.46 7.16 3.92
N ILE E 57 -33.03 7.31 2.67
CA ILE E 57 -33.90 7.75 1.58
C ILE E 57 -33.78 6.72 0.46
N GLN E 58 -34.92 6.29 -0.08
CA GLN E 58 -34.96 5.31 -1.14
C GLN E 58 -35.83 5.85 -2.25
N TRP E 59 -35.30 5.88 -3.48
CA TRP E 59 -36.06 6.42 -4.60
C TRP E 59 -35.85 5.56 -5.85
N LYS E 60 -36.78 5.74 -6.79
CA LYS E 60 -36.81 5.04 -8.06
C LYS E 60 -36.54 6.04 -9.18
N VAL E 61 -35.64 5.69 -10.09
CA VAL E 61 -35.34 6.51 -11.26
C VAL E 61 -35.80 5.74 -12.50
N THR E 62 -36.65 6.35 -13.32
CA THR E 62 -37.11 5.72 -14.54
C THR E 62 -36.64 6.53 -15.75
N PHE E 63 -36.05 5.83 -16.72
CA PHE E 63 -35.61 6.41 -17.99
C PHE E 63 -36.48 5.83 -19.08
N ASP E 64 -37.27 6.68 -19.73
CA ASP E 64 -38.07 6.24 -20.88
C ASP E 64 -37.19 6.31 -22.11
N THR E 65 -36.67 5.16 -22.55
CA THR E 65 -35.77 5.13 -23.71
C THR E 65 -36.51 4.91 -25.02
N SER E 66 -37.83 4.99 -25.04
CA SER E 66 -38.63 4.70 -26.23
C SER E 66 -38.11 5.43 -27.46
N GLU E 67 -37.92 6.74 -27.37
CA GLU E 67 -37.63 7.56 -28.53
C GLU E 67 -36.15 7.89 -28.68
N TRP E 68 -35.28 7.24 -27.92
CA TRP E 68 -33.87 7.63 -27.89
C TRP E 68 -32.97 6.82 -28.82
N SER E 69 -33.46 5.72 -29.39
CA SER E 69 -32.69 4.96 -30.37
C SER E 69 -31.39 4.43 -29.76
N PHE E 70 -31.44 3.99 -28.49
CA PHE E 70 -30.23 3.53 -27.85
C PHE E 70 -29.70 2.24 -28.46
N ASN E 71 -30.60 1.42 -29.00
CA ASN E 71 -30.13 0.22 -29.68
C ASN E 71 -29.43 0.52 -31.02
N VAL E 72 -29.52 1.76 -31.50
CA VAL E 72 -28.80 2.17 -32.71
C VAL E 72 -27.48 2.83 -32.33
N LYS E 73 -27.56 3.91 -31.54
CA LYS E 73 -26.38 4.57 -30.97
C LYS E 73 -26.58 4.65 -29.46
N HIS E 74 -25.66 4.08 -28.70
CA HIS E 74 -25.86 3.93 -27.27
C HIS E 74 -25.84 5.28 -26.57
N GLY E 75 -26.43 5.31 -25.38
CA GLY E 75 -26.39 6.50 -24.55
C GLY E 75 -25.78 6.20 -23.21
N GLY E 76 -25.93 7.14 -22.27
CA GLY E 76 -25.51 6.92 -20.90
C GLY E 76 -26.51 7.55 -19.96
N VAL E 77 -26.48 7.13 -18.70
CA VAL E 77 -27.34 7.69 -17.68
C VAL E 77 -26.50 8.10 -16.47
N TYR E 78 -26.94 9.15 -15.80
CA TYR E 78 -26.24 9.73 -14.67
C TYR E 78 -27.20 9.83 -13.50
N PHE E 79 -26.70 9.53 -12.31
CA PHE E 79 -27.41 9.73 -11.05
C PHE E 79 -26.62 10.75 -10.23
N ILE E 80 -27.28 11.83 -9.81
CA ILE E 80 -26.59 12.89 -9.09
C ILE E 80 -27.18 12.97 -7.69
N LEU E 81 -26.30 12.91 -6.70
CA LEU E 81 -26.71 12.84 -5.31
C LEU E 81 -26.22 14.06 -4.55
N PRO E 82 -26.97 14.52 -3.56
CA PRO E 82 -26.60 15.75 -2.85
C PRO E 82 -25.68 15.47 -1.68
N ASN E 83 -25.01 16.53 -1.23
CA ASN E 83 -24.35 16.50 0.06
C ASN E 83 -25.30 15.97 1.12
N GLY E 84 -24.74 15.22 2.08
CA GLY E 84 -25.54 14.67 3.16
C GLY E 84 -26.23 13.36 2.87
N LEU E 85 -26.02 12.78 1.68
CA LEU E 85 -26.55 11.47 1.33
C LEU E 85 -25.40 10.57 0.90
N ASP E 86 -25.33 9.37 1.48
CA ASP E 86 -24.32 8.39 1.10
C ASP E 86 -25.00 7.19 0.44
N LEU E 87 -24.73 6.99 -0.84
CA LEU E 87 -25.37 5.90 -1.58
C LEU E 87 -24.94 4.56 -1.00
N THR E 88 -25.92 3.74 -0.63
CA THR E 88 -25.65 2.41 -0.08
C THR E 88 -26.21 1.28 -0.93
N LYS E 89 -27.00 1.57 -1.97
CA LYS E 89 -27.56 0.52 -2.81
C LYS E 89 -28.14 1.14 -4.08
N ILE E 90 -27.75 0.63 -5.25
CA ILE E 90 -28.40 0.98 -6.50
C ILE E 90 -28.64 -0.32 -7.27
N VAL E 91 -29.90 -0.57 -7.62
CA VAL E 91 -30.33 -1.78 -8.31
C VAL E 91 -30.73 -1.41 -9.73
N ASP E 92 -30.25 -2.15 -10.70
CA ASP E 92 -30.51 -1.79 -12.09
C ASP E 92 -31.81 -2.41 -12.59
N ASN E 93 -32.06 -2.29 -13.89
CA ASN E 93 -33.34 -2.73 -14.44
C ASN E 93 -33.53 -4.24 -14.32
N ASN E 94 -32.45 -4.99 -14.14
CA ASN E 94 -32.52 -6.44 -13.98
C ASN E 94 -32.54 -6.87 -12.52
N GLN E 95 -32.69 -5.92 -11.60
CA GLN E 95 -32.66 -6.19 -10.17
C GLN E 95 -31.30 -6.67 -9.68
N HIS E 96 -30.25 -6.36 -10.44
CA HIS E 96 -28.87 -6.63 -10.04
C HIS E 96 -28.33 -5.45 -9.24
N ASP E 97 -27.94 -5.71 -8.00
CA ASP E 97 -27.32 -4.70 -7.14
C ASP E 97 -25.94 -4.38 -7.68
N ILE E 98 -25.81 -3.24 -8.35
CA ILE E 98 -24.57 -2.84 -8.99
C ILE E 98 -23.77 -1.85 -8.13
N THR E 99 -24.18 -1.64 -6.87
CA THR E 99 -23.48 -0.70 -6.00
C THR E 99 -21.96 -0.86 -6.08
N ALA E 100 -21.47 -2.10 -6.02
CA ALA E 100 -20.04 -2.35 -5.99
C ALA E 100 -19.35 -2.20 -7.34
N SER E 101 -20.10 -2.01 -8.43
CA SER E 101 -19.45 -1.80 -9.72
C SER E 101 -18.85 -0.41 -9.86
N PHE E 102 -19.30 0.53 -9.06
CA PHE E 102 -18.84 1.90 -9.23
C PHE E 102 -17.54 2.13 -8.44
N PRO E 103 -16.51 2.71 -9.08
CA PRO E 103 -15.33 3.13 -8.31
C PRO E 103 -15.69 4.02 -7.12
N THR E 104 -14.78 4.11 -6.14
CA THR E 104 -14.92 5.03 -5.02
C THR E 104 -13.87 6.15 -5.03
N ASP E 105 -12.87 6.06 -5.91
CA ASP E 105 -11.82 7.08 -6.03
C ASP E 105 -11.78 7.51 -7.49
N ILE E 106 -12.05 8.79 -7.74
CA ILE E 106 -12.19 9.28 -9.11
C ILE E 106 -10.93 9.11 -9.93
N ASN E 107 -9.82 8.65 -9.33
CA ASN E 107 -8.61 8.39 -10.08
C ASN E 107 -8.24 6.91 -10.15
N ASP E 108 -9.05 6.02 -9.57
CA ASP E 108 -8.88 4.59 -9.78
C ASP E 108 -8.61 4.32 -11.26
N TYR E 109 -7.75 3.34 -11.54
CA TYR E 109 -7.54 2.97 -12.93
C TYR E 109 -8.85 2.55 -13.58
N ARG E 110 -9.77 1.97 -12.80
CA ARG E 110 -11.05 1.48 -13.32
C ARG E 110 -12.10 2.57 -13.52
N ASN E 111 -11.84 3.81 -13.13
CA ASN E 111 -12.74 4.93 -13.40
C ASN E 111 -12.41 5.64 -14.72
N SER E 112 -11.90 4.90 -15.69
CA SER E 112 -11.34 5.48 -16.90
C SER E 112 -12.41 5.77 -17.95
N GLY E 113 -12.00 6.49 -18.99
CA GLY E 113 -12.84 6.97 -20.06
C GLY E 113 -13.97 6.06 -20.48
N GLN E 114 -13.65 4.90 -21.04
CA GLN E 114 -14.68 4.03 -21.55
C GLN E 114 -14.85 2.75 -20.73
N GLU E 115 -14.66 2.85 -19.42
CA GLU E 115 -15.24 1.83 -18.55
C GLU E 115 -16.76 2.05 -18.46
N LYS E 116 -17.48 1.01 -18.05
CA LYS E 116 -18.93 1.13 -18.06
C LYS E 116 -19.45 1.94 -16.87
N TYR E 117 -18.94 1.70 -15.67
CA TYR E 117 -19.42 2.37 -14.48
C TYR E 117 -18.39 3.40 -14.03
N ARG E 118 -18.82 4.66 -13.87
CA ARG E 118 -17.93 5.74 -13.49
C ARG E 118 -18.52 6.54 -12.33
N PHE E 119 -17.65 7.31 -11.69
CA PHE E 119 -18.00 8.00 -10.45
C PHE E 119 -17.22 9.30 -10.34
N PHE E 120 -17.92 10.39 -10.03
CA PHE E 120 -17.28 11.69 -9.85
C PHE E 120 -17.76 12.31 -8.55
N SER E 121 -16.89 13.13 -7.95
CA SER E 121 -17.12 13.63 -6.60
C SER E 121 -16.54 15.03 -6.50
N SER E 122 -17.39 15.98 -6.05
CA SER E 122 -16.93 17.36 -5.95
C SER E 122 -15.81 17.51 -4.92
N LYS E 123 -15.80 16.67 -3.88
CA LYS E 123 -14.71 16.74 -2.91
C LYS E 123 -13.39 16.29 -3.53
N GLN E 124 -13.41 15.22 -4.31
CA GLN E 124 -12.16 14.69 -4.85
C GLN E 124 -11.62 15.50 -6.03
N GLY E 125 -12.47 16.23 -6.75
CA GLY E 125 -11.99 16.98 -7.90
C GLY E 125 -13.05 17.66 -8.73
N LEU E 126 -12.80 18.91 -9.15
CA LEU E 126 -13.76 19.73 -9.89
C LEU E 126 -13.57 19.70 -11.41
N ASP E 127 -12.35 19.94 -11.90
CA ASP E 127 -12.11 20.06 -13.33
C ASP E 127 -11.45 18.79 -13.90
N ASN E 128 -10.99 18.85 -15.14
CA ASN E 128 -10.42 17.69 -15.83
C ASN E 128 -11.51 16.71 -16.25
N GLU E 129 -11.12 15.67 -17.01
CA GLU E 129 -12.12 14.78 -17.61
C GLU E 129 -12.96 14.08 -16.55
N ASN E 130 -12.37 13.74 -15.40
CA ASN E 130 -13.09 13.09 -14.33
C ASN E 130 -13.51 14.06 -13.23
N GLY E 131 -13.54 15.36 -13.55
CA GLY E 131 -13.95 16.35 -12.59
C GLY E 131 -15.46 16.46 -12.47
N PHE E 132 -15.90 16.90 -11.28
CA PHE E 132 -17.33 17.02 -11.01
C PHE E 132 -17.98 18.09 -11.88
N ASN E 133 -17.33 19.25 -12.05
CA ASN E 133 -17.90 20.30 -12.88
C ASN E 133 -17.92 19.90 -14.36
N SER E 134 -16.85 19.28 -14.84
CA SER E 134 -16.82 18.85 -16.23
C SER E 134 -17.92 17.85 -16.53
N GLN E 135 -18.16 16.90 -15.61
CA GLN E 135 -19.17 15.88 -15.86
C GLN E 135 -20.57 16.41 -15.61
N TRP E 136 -20.72 17.37 -14.69
CA TRP E 136 -21.97 18.13 -14.64
C TRP E 136 -22.26 18.77 -15.99
N ASN E 137 -21.26 19.44 -16.58
CA ASN E 137 -21.47 20.16 -17.83
C ASN E 137 -21.82 19.22 -18.97
N TRP E 138 -21.32 17.99 -18.94
CA TRP E 138 -21.63 17.01 -19.97
C TRP E 138 -22.89 16.22 -19.67
N SER E 139 -23.56 16.49 -18.54
CA SER E 139 -24.79 15.79 -18.23
C SER E 139 -25.90 16.77 -17.91
N ALA E 140 -26.15 17.01 -16.62
CA ALA E 140 -27.25 17.89 -16.23
C ALA E 140 -27.12 19.26 -16.90
N GLY E 141 -25.91 19.79 -17.01
CA GLY E 141 -25.72 21.10 -17.63
C GLY E 141 -26.17 21.18 -19.07
N GLN E 142 -26.21 20.06 -19.78
CA GLN E 142 -26.65 20.01 -21.18
C GLN E 142 -28.17 19.94 -21.32
N ALA E 143 -28.91 19.70 -20.23
CA ALA E 143 -30.33 19.45 -20.30
C ALA E 143 -31.18 20.71 -20.11
N ASN E 144 -30.67 21.88 -20.51
CA ASN E 144 -31.37 23.12 -20.27
C ASN E 144 -31.93 23.16 -18.84
N PRO E 145 -31.07 22.92 -17.83
CA PRO E 145 -31.53 22.98 -16.43
C PRO E 145 -32.28 24.27 -16.09
N SER E 146 -33.33 24.13 -15.29
CA SER E 146 -34.05 25.27 -14.76
C SER E 146 -33.21 25.99 -13.70
N GLU E 147 -33.70 27.16 -13.27
CA GLU E 147 -33.00 27.91 -12.23
C GLU E 147 -32.88 27.11 -10.94
N THR E 148 -33.94 26.39 -10.55
CA THR E 148 -33.88 25.57 -9.36
C THR E 148 -32.67 24.64 -9.40
N VAL E 149 -32.53 23.88 -10.49
CA VAL E 149 -31.43 22.94 -10.64
C VAL E 149 -30.09 23.66 -10.69
N ASN E 150 -30.02 24.78 -11.41
CA ASN E 150 -28.77 25.53 -11.47
C ASN E 150 -28.39 26.13 -10.13
N SER E 151 -29.38 26.49 -9.31
CA SER E 151 -29.07 27.00 -7.97
C SER E 151 -28.55 25.90 -7.06
N TRP E 152 -29.07 24.67 -7.18
CA TRP E 152 -28.47 23.56 -6.45
C TRP E 152 -26.99 23.43 -6.76
N LYS E 153 -26.62 23.53 -8.04
CA LYS E 153 -25.21 23.43 -8.43
C LYS E 153 -24.39 24.58 -7.85
N SER E 154 -24.82 25.83 -8.06
CA SER E 154 -24.02 26.93 -7.56
C SER E 154 -24.06 27.02 -6.04
N GLY E 155 -25.18 26.63 -5.42
CA GLY E 155 -25.30 26.57 -3.98
C GLY E 155 -24.58 25.42 -3.31
N ASN E 156 -23.76 24.68 -4.07
CA ASN E 156 -23.01 23.54 -3.54
C ASN E 156 -23.90 22.54 -2.80
N ARG E 157 -25.09 22.30 -3.35
CA ARG E 157 -25.96 21.27 -2.80
C ARG E 157 -25.61 19.88 -3.30
N LEU E 158 -24.87 19.75 -4.39
CA LEU E 158 -24.67 18.47 -5.07
C LEU E 158 -23.21 18.05 -4.96
N SER E 159 -22.97 16.74 -4.77
CA SER E 159 -21.60 16.32 -4.51
C SER E 159 -21.14 15.10 -5.31
N LYS E 160 -22.04 14.22 -5.73
CA LYS E 160 -21.62 12.98 -6.36
C LYS E 160 -22.41 12.66 -7.62
N ILE E 161 -21.72 12.09 -8.61
CA ILE E 161 -22.29 11.70 -9.90
C ILE E 161 -21.92 10.25 -10.18
N TYR E 162 -22.93 9.41 -10.37
CA TYR E 162 -22.74 8.04 -10.83
C TYR E 162 -23.19 7.95 -12.28
N PHE E 163 -22.36 7.35 -13.13
CA PHE E 163 -22.62 7.29 -14.55
C PHE E 163 -22.56 5.84 -15.02
N ILE E 164 -23.52 5.44 -15.83
CA ILE E 164 -23.51 4.12 -16.47
C ILE E 164 -23.41 4.33 -17.98
N ASP E 165 -22.35 3.79 -18.57
CA ASP E 165 -22.12 3.94 -20.00
C ASP E 165 -22.77 2.80 -20.77
N GLN E 166 -22.78 2.93 -22.09
CA GLN E 166 -23.17 1.84 -23.00
C GLN E 166 -24.60 1.36 -22.74
N ILE E 167 -25.53 2.32 -22.69
CA ILE E 167 -26.94 2.00 -22.53
C ILE E 167 -27.53 1.74 -23.91
N THR E 168 -28.13 0.57 -24.09
CA THR E 168 -28.69 0.22 -25.40
C THR E 168 -30.13 -0.28 -25.32
N ASP E 169 -30.80 -0.11 -24.18
CA ASP E 169 -32.16 -0.60 -24.05
C ASP E 169 -33.14 0.24 -24.87
N THR E 170 -34.34 -0.31 -25.04
CA THR E 170 -35.39 0.35 -25.81
C THR E 170 -36.69 0.44 -25.05
N THR E 171 -36.77 -0.13 -23.84
CA THR E 171 -37.92 -0.04 -22.96
C THR E 171 -37.60 0.87 -21.77
N GLU E 172 -38.56 0.95 -20.85
CA GLU E 172 -38.38 1.74 -19.65
C GLU E 172 -37.31 1.13 -18.75
N LEU E 173 -36.28 1.89 -18.44
CA LEU E 173 -35.29 1.46 -17.45
C LEU E 173 -35.66 2.03 -16.09
N THR E 174 -35.71 1.16 -15.08
CA THR E 174 -35.95 1.58 -13.70
C THR E 174 -34.79 1.14 -12.84
N TYR E 175 -34.14 2.11 -12.19
CA TYR E 175 -33.16 1.84 -11.14
C TYR E 175 -33.76 2.22 -9.80
N THR E 176 -33.38 1.47 -8.76
CA THR E 176 -33.83 1.74 -7.40
C THR E 176 -32.62 2.07 -6.56
N LEU E 177 -32.63 3.25 -5.92
CA LEU E 177 -31.50 3.76 -5.17
C LEU E 177 -31.86 3.97 -3.71
N THR E 178 -30.97 3.53 -2.83
CA THR E 178 -31.07 3.78 -1.41
C THR E 178 -29.81 4.50 -0.95
N ALA E 179 -29.97 5.45 -0.04
CA ALA E 179 -28.85 6.24 0.48
C ALA E 179 -29.06 6.53 1.95
N LYS E 180 -27.95 6.65 2.67
CA LYS E 180 -28.00 6.93 4.10
C LYS E 180 -27.84 8.43 4.33
N VAL E 181 -28.74 9.00 5.14
CA VAL E 181 -28.60 10.40 5.58
C VAL E 181 -27.41 10.50 6.52
N THR E 182 -26.38 11.25 6.12
CA THR E 182 -25.16 11.41 6.90
C THR E 182 -25.07 12.75 7.64
N GLU E 183 -26.10 13.60 7.53
CA GLU E 183 -26.10 14.93 8.15
C GLU E 183 -27.41 15.05 8.92
N PRO E 184 -27.39 14.88 10.24
CA PRO E 184 -28.66 14.87 10.99
C PRO E 184 -29.37 16.21 10.99
N ASN E 185 -28.69 17.33 10.74
CA ASN E 185 -29.37 18.61 10.71
C ASN E 185 -29.82 19.02 9.30
N GLN E 186 -29.85 18.09 8.35
CA GLN E 186 -30.21 18.42 6.97
C GLN E 186 -31.62 17.91 6.66
N GLN E 187 -32.47 18.81 6.16
CA GLN E 187 -33.82 18.40 5.77
C GLN E 187 -34.06 18.35 4.27
N SER E 188 -33.23 19.02 3.48
CA SER E 188 -33.45 19.18 2.05
C SER E 188 -32.50 18.27 1.29
N PHE E 189 -33.06 17.43 0.41
CA PHE E 189 -32.27 16.46 -0.36
C PHE E 189 -32.64 16.48 -1.84
N PRO E 190 -31.92 17.27 -2.65
CA PRO E 190 -32.16 17.27 -4.10
C PRO E 190 -31.68 15.98 -4.74
N LEU E 191 -32.53 15.39 -5.57
CA LEU E 191 -32.21 14.20 -6.34
C LEU E 191 -32.32 14.52 -7.81
N LEU E 192 -31.32 14.15 -8.61
CA LEU E 192 -31.35 14.34 -10.05
C LEU E 192 -30.96 13.06 -10.76
N ALA E 193 -31.45 12.92 -11.99
CA ALA E 193 -30.97 11.91 -12.93
C ALA E 193 -30.96 12.49 -14.34
N VAL E 194 -30.05 11.98 -15.18
CA VAL E 194 -29.85 12.49 -16.53
C VAL E 194 -29.69 11.31 -17.49
N MET E 195 -30.24 11.47 -18.71
CA MET E 195 -30.03 10.52 -19.80
C MET E 195 -29.73 11.29 -21.07
N LYS E 196 -28.91 10.69 -21.94
CA LYS E 196 -28.56 11.34 -23.20
C LYS E 196 -28.14 10.29 -24.22
N SER E 197 -28.11 10.72 -25.49
CA SER E 197 -27.48 9.96 -26.55
C SER E 197 -26.04 10.41 -26.70
N PHE E 198 -25.14 9.47 -26.94
CA PHE E 198 -23.77 9.85 -27.25
C PHE E 198 -23.56 10.14 -28.73
N THR E 199 -24.63 10.11 -29.54
CA THR E 199 -24.48 10.35 -30.96
C THR E 199 -25.43 11.43 -31.48
N TYR E 200 -26.72 11.23 -31.25
CA TYR E 200 -27.75 12.11 -31.79
C TYR E 200 -27.75 13.45 -31.08
N THR E 201 -28.09 14.50 -31.83
CA THR E 201 -27.75 15.86 -31.49
C THR E 201 -28.97 16.75 -31.72
N ASN E 202 -29.01 17.88 -31.02
CA ASN E 202 -30.08 18.84 -31.23
C ASN E 202 -29.67 19.80 -32.34
N SER E 203 -30.51 20.81 -32.59
CA SER E 203 -30.22 21.78 -33.65
C SER E 203 -28.94 22.57 -33.40
N LYS E 204 -28.42 22.57 -32.17
CA LYS E 204 -27.21 23.32 -31.86
C LYS E 204 -25.98 22.42 -31.74
N SER E 205 -26.07 21.21 -32.27
CA SER E 205 -24.95 20.27 -32.35
C SER E 205 -24.54 19.71 -31.00
N THR E 206 -25.44 19.71 -30.02
CA THR E 206 -25.17 19.18 -28.69
C THR E 206 -25.95 17.88 -28.52
N GLU E 207 -25.30 16.87 -27.94
CA GLU E 207 -25.97 15.60 -27.69
C GLU E 207 -27.31 15.82 -27.01
N VAL E 208 -28.35 15.16 -27.53
CA VAL E 208 -29.66 15.26 -26.90
C VAL E 208 -29.56 14.71 -25.48
N THR E 209 -30.00 15.52 -24.51
CA THR E 209 -29.85 15.26 -23.08
C THR E 209 -31.11 15.69 -22.36
N SER E 210 -31.62 14.86 -21.46
CA SER E 210 -32.76 15.21 -20.63
C SER E 210 -32.48 14.88 -19.18
N LEU E 211 -33.27 15.51 -18.32
CA LEU E 211 -33.05 15.55 -16.88
C LEU E 211 -34.37 15.36 -16.16
N GLY E 212 -34.34 14.63 -15.06
CA GLY E 212 -35.46 14.61 -14.13
C GLY E 212 -34.97 14.95 -12.74
N ALA E 213 -35.80 15.67 -11.99
CA ALA E 213 -35.32 16.14 -10.68
C ALA E 213 -36.48 16.37 -9.73
N ARG E 214 -36.14 16.32 -8.45
CA ARG E 214 -37.09 16.33 -7.35
C ARG E 214 -36.32 16.62 -6.06
N GLU E 215 -36.86 17.48 -5.22
CA GLU E 215 -36.30 17.70 -3.90
C GLU E 215 -37.09 16.90 -2.86
N ILE E 216 -36.38 16.12 -2.05
CA ILE E 216 -36.99 15.40 -0.93
C ILE E 216 -36.83 16.24 0.33
N THR E 217 -37.92 16.40 1.08
CA THR E 217 -37.92 17.11 2.34
C THR E 217 -38.12 16.11 3.47
N LEU E 218 -37.20 16.08 4.43
CA LEU E 218 -37.20 15.13 5.55
C LEU E 218 -37.47 15.89 6.84
N GLU E 219 -38.74 15.93 7.25
CA GLU E 219 -39.10 16.47 8.56
C GLU E 219 -38.86 15.38 9.60
N LYS E 220 -37.73 15.46 10.30
CA LYS E 220 -37.27 14.36 11.13
C LYS E 220 -38.16 14.13 12.34
N GLU E 221 -38.02 12.94 12.91
CA GLU E 221 -39.00 12.40 13.85
C GLU E 221 -38.46 12.56 15.29
N LYS E 222 -38.43 11.52 16.12
CA LYS E 222 -37.94 11.62 17.50
C LYS E 222 -36.43 11.41 17.61
N THR E 223 -35.72 11.42 16.49
CA THR E 223 -34.26 11.28 16.47
C THR E 223 -33.60 12.38 17.29
C1 GOL F . 12.58 15.38 1.34
O1 GOL F . 11.44 15.91 0.69
C2 GOL F . 13.33 16.62 1.85
O2 GOL F . 13.30 16.74 3.21
C3 GOL F . 14.76 16.46 1.32
O3 GOL F . 15.39 17.67 1.49
H11 GOL F . 12.36 14.79 2.07
H12 GOL F . 13.15 14.87 0.74
HO1 GOL F . 10.81 15.90 1.25
H2 GOL F . 12.91 17.43 1.51
HO2 GOL F . 12.65 17.23 3.40
H31 GOL F . 15.19 15.73 1.78
H32 GOL F . 14.71 16.18 0.39
HO3 GOL F . 16.13 17.50 1.87
C1 GOL G . 27.36 2.98 -4.17
O1 GOL G . 27.75 2.11 -3.14
C2 GOL G . 28.37 4.18 -4.18
O2 GOL G . 28.91 4.40 -5.47
C3 GOL G . 27.54 5.39 -3.67
O3 GOL G . 28.47 6.34 -3.17
H11 GOL G . 26.46 3.32 -4.04
H12 GOL G . 27.36 2.55 -5.05
HO1 GOL G . 27.36 1.36 -3.29
H2 GOL G . 29.12 4.00 -3.61
HO2 GOL G . 29.07 3.65 -5.82
H31 GOL G . 26.91 5.08 -3.01
H32 GOL G . 27.01 5.74 -4.40
HO3 GOL G . 29.04 5.91 -2.70
C1 GOL H . 3.64 -15.74 -11.17
O1 GOL H . 3.67 -16.21 -9.86
C2 GOL H . 3.66 -16.98 -12.11
O2 GOL H . 2.46 -17.12 -12.73
C3 GOL H . 4.85 -16.71 -12.98
O3 GOL H . 4.83 -17.65 -13.99
H11 GOL H . 2.85 -15.21 -11.35
H12 GOL H . 4.39 -15.17 -11.38
HO1 GOL H . 4.40 -16.61 -9.76
H2 GOL H . 3.79 -17.83 -11.67
HO2 GOL H . 2.07 -17.76 -12.34
H31 GOL H . 4.80 -15.79 -13.30
H32 GOL H . 5.64 -16.75 -12.42
HO3 GOL H . 5.60 -17.64 -14.35
C1 GOL I . 2.69 -15.45 -15.59
O1 GOL I . 4.07 -15.53 -15.91
C2 GOL I . 2.16 -14.19 -16.33
O2 GOL I . 3.17 -13.29 -16.64
C3 GOL I . 1.50 -14.75 -17.57
O3 GOL I . 0.85 -13.71 -18.17
H11 GOL I . 2.20 -16.23 -15.87
H12 GOL I . 2.54 -15.36 -14.64
HO1 GOL I . 4.46 -15.81 -15.22
H2 GOL I . 1.54 -13.70 -15.78
HO2 GOL I . 3.03 -12.59 -16.19
H31 GOL I . 2.17 -15.17 -18.13
H32 GOL I . 0.90 -15.48 -17.31
HO3 GOL I . 1.33 -13.02 -18.02
NA NA J . 5.33 -10.34 -9.41
C1 GOL K . 7.30 12.85 18.12
O1 GOL K . 6.70 13.50 19.22
C2 GOL K . 6.71 13.47 16.84
O2 GOL K . 7.34 14.67 16.55
C3 GOL K . 6.86 12.38 15.72
O3 GOL K . 8.22 12.16 15.45
H11 GOL K . 8.26 12.94 18.12
H12 GOL K . 7.12 11.89 18.13
HO1 GOL K . 5.89 13.26 19.24
H2 GOL K . 5.76 13.67 16.95
HO2 GOL K . 7.77 14.91 17.25
H31 GOL K . 6.42 11.58 16.03
H32 GOL K . 6.37 12.68 14.95
HO3 GOL K . 8.27 11.80 14.68
C1 GOL L . 3.62 15.29 18.58
O1 GOL L . 4.31 14.08 18.79
C2 GOL L . 2.62 15.13 17.43
O2 GOL L . 1.57 14.28 17.71
C3 GOL L . 2.13 16.60 17.22
O3 GOL L . 0.87 16.70 17.85
H11 GOL L . 3.14 15.58 19.38
H12 GOL L . 4.22 16.02 18.37
HO1 GOL L . 4.14 13.85 19.60
H2 GOL L . 3.05 14.74 16.65
HO2 GOL L . 1.09 14.25 17.01
H31 GOL L . 2.79 17.21 17.58
H32 GOL L . 2.11 16.79 16.26
HO3 GOL L . 0.82 16.05 18.41
C1 GOL M . -8.30 -17.15 0.36
O1 GOL M . -8.34 -18.53 0.48
C2 GOL M . -7.05 -16.77 -0.48
O2 GOL M . -7.22 -17.12 -1.82
C3 GOL M . -6.90 -15.28 -0.24
O3 GOL M . -7.84 -14.63 -1.06
H11 GOL M . -9.10 -16.79 -0.08
H12 GOL M . -8.25 -16.70 1.22
HO1 GOL M . -7.55 -18.77 0.70
H2 GOL M . -6.26 -17.25 -0.21
HO2 GOL M . -7.22 -16.40 -2.27
H31 GOL M . -7.03 -15.10 0.71
H32 GOL M . -5.98 -15.03 -0.43
HO3 GOL M . -8.00 -13.87 -0.71
NA NA N . -17.46 -22.74 19.69
NA NA O . -26.79 -6.43 -15.03
#